data_6OK3
#
_entry.id   6OK3
#
_cell.length_a   213.059
_cell.length_b   44.976
_cell.length_c   142.734
_cell.angle_alpha   90.000
_cell.angle_beta   92.840
_cell.angle_gamma   90.000
#
_symmetry.space_group_name_H-M   'C 1 2 1'
#
loop_
_entity.id
_entity.type
_entity.pdbx_description
1 polymer 'Sel1 repeat protein'
2 polymer 'Sel1 repeat protein'
3 non-polymer 'SULFATE ION'
4 non-polymer 1,2-ETHANEDIOL
5 non-polymer 'TRIETHYLENE GLYCOL'
6 non-polymer DI(HYDROXYETHYL)ETHER
7 water water
#
loop_
_entity_poly.entity_id
_entity_poly.type
_entity_poly.pdbx_seq_one_letter_code
_entity_poly.pdbx_strand_id
1 'polypeptide(L)'
;(MSE)SSVIADSQQPAVSEENANKIILDEE(MLZ)AVIQCNERYKTENDEKGDEETVSWCRKAA(MLY)SGNAEAQYLFG
(MSE)LVYDGRGVQQDNCVA(MSE)LWW(MSE)KAAEQNHA(MLY)ALV(MSE)LGNLHRKGQCIAENYPKAIAYWKRAA
VQNNVWAYHNLGTAYYDGIGVD(MLY)NPHEAVRWW(MLY)(MLZ)AAELGFPESQNNLGALYNDGNGVDRDYQEAVFWY
R(MLZ)SALQGDELGQYNLGVAYYYGRGIKKDFSEAVSWYKKSAEQDYAQAQHNLGVTYYEGEGIKKDYAKAVYWW
(MLZ)(MLY)AAEQGIPQSQYNLGIAYEEGWGAEKNPENAVFWYR(MLZ)AAEQGHADAQNRLGIAYRYGTGVRKNPALS
VKWLEKAAKQGLARAQFNLGKTFYIGAGINKNTDKAVYWFIKAANQGFTEAQAYIG(MSE)IYF(MLY)GKYVA(MLY)N
EKKGFYWLKKAAEKDSA(MLY)AQAFLGALYIAGNEVKPNIKEGVALTKKAALQGNYEAQTLLGFCYENGLEVKKDLIAA
YALYLSASPHFDFAEKARLDLERKLSEQEIAKAISVNTAKLFE
;
A
2 'polypeptide(L)'
;(MSE)SSVIADSQQPAVSEENANKIILDEEKAVIQCNERYKTENDEKGDEETVSWCRKAAKSGNAEAQYLFG(MSE)LVY
DGRGVQQDNCVA(MSE)LWW(MSE)(MLY)AAEQNHAKALV(MSE)LGNLHRKGQCIAENYPKAIAYWKRAAVQNNVWAY
HNLGTAYYDGIGVD(MLY)NPHEAVRWW(MLY)KAAELGFPESQNNLGALYNDGNGVDRDYQEAVFWYRKSALQGDELGQ
YNLGVAYYYGRGIKKDFSEAVSWYK(MLY)SAEQDYAQAQHNLGVTYYEGEGIKKDYA(MLY)AVYWWKKAAEQGIPQSQ
YNLGIAYEEGWGAEKNPENAVFWYR(MLY)AAEQGHADAQNRLGIAYRYGTGVR(MLY)NPALSVKWLEKAAKQGLARAQ
FNLGKTFYIGAGINKNTDKAVYWFI(MLY)AANQGFTEAQAYIG(MSE)IYFKGKYVA(MLY)NEKKGFYWLKKAAEKDS
AKAQAFLGALYIAGNEVKPNIKEGVALTKKAALQGNYEAQTLLGFCYENGLEVKKDLIAAYALYLSASPHFDFAEKARLD
LERKLSEQEIAKAISVNTAKLFE
;
B
#
# COMPACT_ATOMS: atom_id res chain seq x y z
N GLU A 15 -42.89 47.95 -41.70
CA GLU A 15 -43.69 48.04 -40.48
C GLU A 15 -45.16 47.71 -40.77
N GLU A 16 -45.68 48.26 -41.86
CA GLU A 16 -47.05 48.04 -42.28
C GLU A 16 -47.18 47.20 -43.54
N ASN A 17 -46.19 47.24 -44.43
CA ASN A 17 -46.26 46.50 -45.69
C ASN A 17 -46.00 45.03 -45.42
N ALA A 18 -46.95 44.18 -45.81
CA ALA A 18 -46.86 42.75 -45.48
C ALA A 18 -45.75 42.07 -46.28
N ASN A 19 -45.66 42.35 -47.58
CA ASN A 19 -44.60 41.75 -48.39
C ASN A 19 -43.23 42.22 -47.96
N LYS A 20 -43.11 43.49 -47.54
CA LYS A 20 -41.87 44.00 -47.01
C LYS A 20 -41.45 43.25 -45.74
N ILE A 21 -42.42 42.88 -44.91
CA ILE A 21 -42.12 42.11 -43.72
C ILE A 21 -41.60 40.73 -44.10
N ILE A 22 -42.24 40.09 -45.08
CA ILE A 22 -41.80 38.76 -45.53
C ILE A 22 -40.38 38.83 -46.06
N LEU A 23 -40.10 39.82 -46.90
CA LEU A 23 -38.78 39.93 -47.53
C LEU A 23 -37.69 40.19 -46.51
N ASP A 24 -37.98 41.00 -45.48
CA ASP A 24 -36.96 41.37 -44.52
C ASP A 24 -36.57 40.18 -43.63
N GLU A 25 -37.56 39.42 -43.15
CA GLU A 25 -37.23 38.31 -42.27
C GLU A 25 -36.59 37.17 -43.04
N GLU A 26 -37.07 36.89 -44.25
CA GLU A 26 -36.49 35.84 -45.08
C GLU A 26 -35.06 36.20 -45.48
N ALA A 28 -32.99 38.17 -43.52
CA ALA A 28 -32.21 38.06 -42.29
C ALA A 28 -31.84 36.61 -41.99
N VAL A 29 -32.76 35.70 -42.31
CA VAL A 29 -32.49 34.28 -42.09
C VAL A 29 -31.42 33.79 -43.06
N ILE A 30 -31.50 34.18 -44.32
CA ILE A 30 -30.48 33.81 -45.29
C ILE A 30 -29.14 34.39 -44.88
N GLN A 31 -29.12 35.65 -44.43
CA GLN A 31 -27.87 36.30 -44.05
C GLN A 31 -27.26 35.66 -42.81
N CYS A 32 -28.10 35.37 -41.81
CA CYS A 32 -27.58 34.81 -40.56
C CYS A 32 -26.94 33.45 -40.79
N ASN A 33 -27.61 32.58 -41.55
CA ASN A 33 -27.05 31.26 -41.83
C ASN A 33 -25.75 31.34 -42.63
N GLU A 34 -25.64 32.33 -43.53
CA GLU A 34 -24.47 32.42 -44.38
C GLU A 34 -23.31 33.11 -43.69
N ARG A 35 -23.59 34.18 -42.93
CA ARG A 35 -22.52 34.88 -42.24
C ARG A 35 -22.01 34.13 -41.01
N TYR A 36 -22.82 33.24 -40.44
CA TYR A 36 -22.36 32.46 -39.29
C TYR A 36 -21.25 31.50 -39.70
N LYS A 37 -21.36 30.93 -40.90
CA LYS A 37 -20.39 29.94 -41.37
C LYS A 37 -19.06 30.55 -41.76
N THR A 38 -18.99 31.87 -41.92
CA THR A 38 -17.78 32.52 -42.44
C THR A 38 -16.76 32.72 -41.35
N GLU A 39 -15.50 32.34 -41.63
CA GLU A 39 -14.37 32.66 -40.76
C GLU A 39 -14.11 34.15 -40.88
N ASN A 40 -14.88 34.93 -40.14
CA ASN A 40 -14.94 36.37 -40.29
C ASN A 40 -14.01 37.06 -39.29
N ASP A 41 -13.74 38.34 -39.57
CA ASP A 41 -12.96 39.19 -38.68
C ASP A 41 -13.87 39.82 -37.64
N GLU A 42 -13.30 40.71 -36.81
CA GLU A 42 -14.10 41.38 -35.79
C GLU A 42 -15.11 42.34 -36.41
N LYS A 43 -14.81 42.87 -37.59
CA LYS A 43 -15.76 43.78 -38.24
C LYS A 43 -16.92 43.01 -38.86
N GLY A 44 -16.64 41.89 -39.50
CA GLY A 44 -17.69 41.06 -40.06
C GLY A 44 -18.51 40.32 -39.01
N ASP A 45 -17.94 40.11 -37.83
CA ASP A 45 -18.69 39.44 -36.76
C ASP A 45 -19.80 40.33 -36.22
N GLU A 46 -19.61 41.65 -36.23
CA GLU A 46 -20.66 42.54 -35.74
C GLU A 46 -21.85 42.57 -36.70
N GLU A 47 -21.59 42.49 -38.01
CA GLU A 47 -22.69 42.37 -38.96
C GLU A 47 -23.36 41.01 -38.86
N THR A 48 -22.60 39.96 -38.55
CA THR A 48 -23.20 38.64 -38.33
C THR A 48 -24.16 38.67 -37.16
N VAL A 49 -23.80 39.38 -36.08
CA VAL A 49 -24.69 39.50 -34.94
C VAL A 49 -25.91 40.35 -35.29
N SER A 50 -25.71 41.38 -36.10
CA SER A 50 -26.82 42.25 -36.47
C SER A 50 -27.88 41.49 -37.25
N TRP A 51 -27.46 40.64 -38.18
CA TRP A 51 -28.43 39.90 -38.99
C TRP A 51 -29.07 38.76 -38.22
N CYS A 52 -28.31 38.06 -37.38
CA CYS A 52 -28.88 36.96 -36.59
C CYS A 52 -29.83 37.49 -35.52
N ARG A 53 -29.61 38.71 -35.03
CA ARG A 53 -30.55 39.31 -34.10
C ARG A 53 -31.90 39.53 -34.75
N LYS A 54 -31.90 40.10 -35.96
CA LYS A 54 -33.15 40.33 -36.68
C LYS A 54 -33.84 39.02 -37.01
N ALA A 55 -33.06 37.99 -37.39
CA ALA A 55 -33.66 36.72 -37.76
C ALA A 55 -34.14 35.93 -36.54
N ALA A 56 -33.53 36.15 -35.38
CA ALA A 56 -33.98 35.50 -34.14
C ALA A 56 -35.24 36.18 -33.63
N SER A 58 -37.51 37.44 -35.48
CA SER A 58 -38.60 37.12 -36.39
C SER A 58 -39.24 35.78 -36.08
N GLY A 59 -38.56 34.95 -35.30
CA GLY A 59 -39.10 33.68 -34.84
C GLY A 59 -38.48 32.45 -35.45
N ASN A 60 -37.45 32.59 -36.30
CA ASN A 60 -36.79 31.43 -36.89
C ASN A 60 -35.99 30.69 -35.82
N ALA A 61 -36.34 29.42 -35.59
CA ALA A 61 -35.71 28.66 -34.51
C ALA A 61 -34.21 28.55 -34.71
N GLU A 62 -33.78 28.19 -35.92
CA GLU A 62 -32.36 28.03 -36.19
C GLU A 62 -31.58 29.32 -35.95
N ALA A 63 -32.17 30.46 -36.32
CA ALA A 63 -31.50 31.73 -36.08
C ALA A 63 -31.44 32.06 -34.61
N GLN A 64 -32.45 31.66 -33.84
CA GLN A 64 -32.40 31.87 -32.40
C GLN A 64 -31.30 31.03 -31.77
N TYR A 65 -31.11 29.80 -32.26
CA TYR A 65 -30.00 28.98 -31.79
C TYR A 65 -28.66 29.58 -32.17
N LEU A 66 -28.54 30.09 -33.39
CA LEU A 66 -27.27 30.68 -33.82
C LEU A 66 -26.98 31.97 -33.08
N PHE A 67 -27.98 32.84 -32.92
CA PHE A 67 -27.76 34.08 -32.20
C PHE A 67 -27.45 33.83 -30.74
N GLY A 68 -28.02 32.79 -30.14
CA GLY A 68 -27.63 32.42 -28.79
C GLY A 68 -26.20 31.90 -28.72
N LEU A 70 -23.71 32.95 -30.73
CA LEU A 70 -22.87 34.13 -30.84
C LEU A 70 -22.75 34.82 -29.48
N VAL A 71 -23.87 35.03 -28.80
CA VAL A 71 -23.84 35.70 -27.50
C VAL A 71 -23.09 34.86 -26.47
N TYR A 72 -23.21 33.53 -26.55
CA TYR A 72 -22.51 32.67 -25.60
C TYR A 72 -21.00 32.74 -25.81
N ASP A 73 -20.56 32.81 -27.05
CA ASP A 73 -19.13 32.83 -27.37
C ASP A 73 -18.55 34.24 -27.41
N GLY A 74 -19.38 35.26 -27.25
CA GLY A 74 -18.88 36.63 -27.35
C GLY A 74 -18.38 37.01 -28.72
N ARG A 75 -18.82 36.31 -29.76
CA ARG A 75 -18.36 36.56 -31.13
C ARG A 75 -19.16 37.72 -31.72
N GLY A 76 -18.54 38.88 -31.84
CA GLY A 76 -19.18 40.05 -32.41
C GLY A 76 -20.15 40.75 -31.50
N VAL A 77 -20.31 40.29 -30.25
CA VAL A 77 -21.25 40.87 -29.30
C VAL A 77 -20.74 40.58 -27.90
N GLN A 78 -21.18 41.40 -26.94
CA GLN A 78 -20.78 41.20 -25.55
C GLN A 78 -21.26 39.84 -25.05
N GLN A 79 -20.34 39.05 -24.50
CA GLN A 79 -20.69 37.74 -24.00
C GLN A 79 -21.67 37.85 -22.84
N ASP A 80 -22.69 36.99 -22.86
CA ASP A 80 -23.73 37.01 -21.83
C ASP A 80 -24.38 35.63 -21.80
N ASN A 81 -24.19 34.90 -20.70
CA ASN A 81 -24.77 33.58 -20.60
C ASN A 81 -26.29 33.62 -20.56
N CYS A 82 -26.86 34.68 -19.97
CA CYS A 82 -28.32 34.73 -19.78
C CYS A 82 -29.03 35.14 -21.07
N VAL A 83 -28.44 36.05 -21.85
CA VAL A 83 -29.05 36.40 -23.12
C VAL A 83 -29.04 35.20 -24.07
N ALA A 84 -27.96 34.42 -24.04
CA ALA A 84 -27.90 33.21 -24.85
C ALA A 84 -28.99 32.23 -24.46
N LEU A 86 -31.88 32.89 -23.18
CA LEU A 86 -33.16 33.41 -23.62
C LEU A 86 -33.50 32.92 -25.02
N TRP A 87 -32.57 33.07 -25.97
CA TRP A 87 -32.88 32.71 -27.35
C TRP A 87 -32.85 31.21 -27.55
N TRP A 88 -32.02 30.48 -26.80
CA TRP A 88 -32.07 29.03 -26.84
C TRP A 88 -33.41 28.51 -26.31
N LYS A 90 -36.34 30.13 -26.60
CA LYS A 90 -37.31 30.37 -27.67
C LYS A 90 -37.17 29.32 -28.77
N ALA A 91 -35.94 28.94 -29.11
CA ALA A 91 -35.74 27.88 -30.10
C ALA A 91 -36.15 26.53 -29.53
N ALA A 92 -35.81 26.27 -28.27
CA ALA A 92 -36.22 25.02 -27.63
C ALA A 92 -37.74 24.91 -27.56
N GLU A 93 -38.43 26.04 -27.38
CA GLU A 93 -39.89 26.03 -27.40
C GLU A 93 -40.44 25.58 -28.75
N GLN A 94 -39.64 25.71 -29.81
CA GLN A 94 -39.96 25.15 -31.11
C GLN A 94 -39.29 23.80 -31.34
N ASN A 95 -38.86 23.14 -30.25
CA ASN A 95 -38.26 21.80 -30.28
C ASN A 95 -36.96 21.76 -31.08
N HIS A 96 -36.21 22.87 -31.07
CA HIS A 96 -34.90 22.89 -31.71
C HIS A 96 -33.94 22.01 -30.92
N ALA A 97 -33.49 20.91 -31.52
CA ALA A 97 -32.74 19.88 -30.82
C ALA A 97 -31.42 20.39 -30.23
N ALA A 99 -30.62 23.54 -29.52
CA ALA A 99 -30.92 24.51 -28.47
C ALA A 99 -31.22 23.80 -27.15
N LEU A 100 -31.98 22.71 -27.24
CA LEU A 100 -32.29 21.91 -26.05
C LEU A 100 -31.03 21.37 -25.41
N VAL A 101 -30.09 20.87 -26.23
CA VAL A 101 -28.80 20.41 -25.69
C VAL A 101 -28.09 21.55 -24.97
N LEU A 103 -29.36 24.20 -23.50
CA LEU A 103 -29.99 24.48 -22.22
C LEU A 103 -29.51 23.50 -21.15
N GLY A 104 -29.41 22.21 -21.51
CA GLY A 104 -28.92 21.23 -20.56
C GLY A 104 -27.50 21.54 -20.10
N ASN A 105 -26.64 22.00 -21.02
CA ASN A 105 -25.27 22.33 -20.66
C ASN A 105 -25.24 23.50 -19.67
N LEU A 106 -26.12 24.48 -19.85
CA LEU A 106 -26.15 25.62 -18.93
C LEU A 106 -26.52 25.18 -17.51
N HIS A 107 -27.46 24.25 -17.38
CA HIS A 107 -27.80 23.73 -16.06
C HIS A 107 -26.70 22.81 -15.53
N ARG A 108 -26.08 22.02 -16.42
CA ARG A 108 -24.97 21.17 -16.02
C ARG A 108 -23.78 22.00 -15.53
N LYS A 109 -23.53 23.14 -16.17
CA LYS A 109 -22.41 24.00 -15.79
C LYS A 109 -22.79 25.10 -14.82
N GLY A 110 -24.07 25.22 -14.46
CA GLY A 110 -24.51 26.29 -13.59
C GLY A 110 -24.35 27.69 -14.17
N GLN A 111 -24.59 27.85 -15.46
CA GLN A 111 -24.42 29.13 -16.13
C GLN A 111 -25.76 29.85 -16.23
N CYS A 112 -25.75 31.16 -15.96
CA CYS A 112 -26.95 31.99 -15.84
C CYS A 112 -27.84 31.50 -14.71
N ILE A 113 -28.42 30.31 -14.88
CA ILE A 113 -29.27 29.69 -13.86
C ILE A 113 -28.38 28.92 -12.90
N ALA A 114 -28.93 28.50 -11.77
CA ALA A 114 -28.16 27.72 -10.81
C ALA A 114 -27.90 26.32 -11.34
N GLU A 115 -26.86 25.68 -10.78
CA GLU A 115 -26.50 24.33 -11.19
C GLU A 115 -27.62 23.35 -10.84
N ASN A 116 -28.02 22.53 -11.82
CA ASN A 116 -29.15 21.62 -11.64
C ASN A 116 -28.95 20.44 -12.59
N TYR A 117 -28.39 19.35 -12.07
CA TYR A 117 -28.13 18.16 -12.87
C TYR A 117 -29.41 17.47 -13.33
N PRO A 118 -30.44 17.32 -12.47
CA PRO A 118 -31.68 16.68 -12.97
C PRO A 118 -32.30 17.41 -14.14
N LYS A 119 -32.26 18.73 -14.16
CA LYS A 119 -32.81 19.47 -15.30
C LYS A 119 -31.92 19.34 -16.53
N ALA A 120 -30.60 19.26 -16.35
CA ALA A 120 -29.70 19.02 -17.46
C ALA A 120 -30.04 17.71 -18.16
N ILE A 121 -30.25 16.64 -17.37
CA ILE A 121 -30.62 15.35 -17.95
C ILE A 121 -31.93 15.45 -18.69
N ALA A 122 -32.89 16.21 -18.14
CA ALA A 122 -34.21 16.32 -18.76
C ALA A 122 -34.14 17.00 -20.11
N TYR A 123 -33.35 18.07 -20.22
CA TYR A 123 -33.17 18.74 -21.51
C TYR A 123 -32.50 17.82 -22.51
N TRP A 124 -31.44 17.13 -22.09
CA TRP A 124 -30.72 16.24 -23.00
C TRP A 124 -31.63 15.10 -23.49
N LYS A 125 -32.45 14.55 -22.60
CA LYS A 125 -33.35 13.49 -23.01
C LYS A 125 -34.39 13.99 -24.02
N ARG A 126 -34.82 15.25 -23.89
CA ARG A 126 -35.76 15.81 -24.86
C ARG A 126 -35.11 15.93 -26.23
N ALA A 127 -33.82 16.28 -26.26
CA ALA A 127 -33.12 16.34 -27.55
C ALA A 127 -32.81 14.96 -28.08
N ALA A 128 -32.66 13.96 -27.21
CA ALA A 128 -32.39 12.61 -27.66
C ALA A 128 -33.58 12.02 -28.40
N VAL A 129 -34.80 12.43 -28.04
CA VAL A 129 -35.98 12.02 -28.79
C VAL A 129 -35.87 12.44 -30.24
N GLN A 130 -35.16 13.53 -30.51
CA GLN A 130 -34.95 14.04 -31.86
C GLN A 130 -33.70 13.47 -32.51
N ASN A 131 -33.07 12.46 -31.91
CA ASN A 131 -31.91 11.77 -32.48
C ASN A 131 -30.71 12.69 -32.63
N ASN A 132 -30.55 13.61 -31.69
CA ASN A 132 -29.38 14.49 -31.68
C ASN A 132 -28.19 13.77 -31.05
N VAL A 133 -27.04 13.85 -31.72
CA VAL A 133 -25.88 13.06 -31.27
C VAL A 133 -25.21 13.70 -30.05
N TRP A 134 -25.32 15.02 -29.88
CA TRP A 134 -24.82 15.63 -28.66
C TRP A 134 -25.62 15.16 -27.45
N ALA A 135 -26.94 15.06 -27.60
CA ALA A 135 -27.78 14.54 -26.53
C ALA A 135 -27.41 13.10 -26.20
N TYR A 136 -27.26 12.26 -27.23
CA TYR A 136 -26.82 10.89 -27.02
C TYR A 136 -25.49 10.84 -26.27
N HIS A 137 -24.53 11.66 -26.70
CA HIS A 137 -23.20 11.62 -26.10
C HIS A 137 -23.23 12.09 -24.66
N ASN A 138 -23.89 13.23 -24.41
CA ASN A 138 -23.91 13.77 -23.05
C ASN A 138 -24.65 12.86 -22.09
N LEU A 139 -25.67 12.14 -22.58
CA LEU A 139 -26.35 11.19 -21.72
C LEU A 139 -25.48 9.98 -21.43
N GLY A 140 -24.71 9.52 -22.43
CA GLY A 140 -23.76 8.46 -22.18
C GLY A 140 -22.72 8.86 -21.14
N THR A 141 -22.18 10.07 -21.26
CA THR A 141 -21.25 10.57 -20.26
C THR A 141 -21.91 10.65 -18.89
N ALA A 142 -23.17 11.08 -18.83
CA ALA A 142 -23.84 11.23 -17.54
C ALA A 142 -24.01 9.89 -16.85
N TYR A 143 -24.36 8.85 -17.60
CA TYR A 143 -24.53 7.53 -16.99
C TYR A 143 -23.20 6.85 -16.68
N TYR A 144 -22.11 7.30 -17.30
CA TYR A 144 -20.81 6.74 -16.96
C TYR A 144 -20.16 7.43 -15.77
N ASP A 145 -20.48 8.71 -15.54
CA ASP A 145 -19.90 9.46 -14.44
C ASP A 145 -20.87 9.70 -13.29
N GLY A 146 -22.10 9.21 -13.40
CA GLY A 146 -23.10 9.46 -12.37
C GLY A 146 -23.44 10.93 -12.24
N ILE A 147 -23.96 11.51 -13.31
CA ILE A 147 -24.32 12.93 -13.36
C ILE A 147 -25.84 13.01 -13.32
N GLY A 148 -26.40 13.24 -12.13
CA GLY A 148 -27.83 13.29 -11.97
C GLY A 148 -28.55 11.97 -12.14
N VAL A 149 -27.82 10.89 -12.38
CA VAL A 149 -28.39 9.55 -12.49
C VAL A 149 -27.47 8.57 -11.78
N ASP A 150 -27.99 7.39 -11.49
CA ASP A 150 -27.17 6.31 -10.93
C ASP A 150 -26.19 5.83 -12.00
N ASN A 152 -24.21 3.69 -14.38
CA ASN A 152 -24.51 2.42 -15.03
C ASN A 152 -23.79 2.37 -16.37
N PRO A 153 -22.57 1.81 -16.37
CA PRO A 153 -21.78 1.79 -17.61
C PRO A 153 -22.48 1.13 -18.78
N HIS A 154 -23.35 0.14 -18.53
CA HIS A 154 -24.08 -0.48 -19.62
C HIS A 154 -25.09 0.48 -20.23
N GLU A 155 -25.73 1.32 -19.39
CA GLU A 155 -26.58 2.38 -19.92
C GLU A 155 -25.76 3.42 -20.65
N ALA A 156 -24.52 3.67 -20.19
CA ALA A 156 -23.63 4.58 -20.92
C ALA A 156 -23.34 4.05 -22.32
N VAL A 157 -23.13 2.73 -22.44
CA VAL A 157 -22.86 2.15 -23.75
C VAL A 157 -24.09 2.28 -24.66
N ARG A 158 -25.29 2.11 -24.10
CA ARG A 158 -26.51 2.24 -24.90
C ARG A 158 -26.59 3.61 -25.55
N TRP A 159 -26.32 4.67 -24.77
CA TRP A 159 -26.38 6.02 -25.32
C TRP A 159 -25.20 6.30 -26.25
N TRP A 160 -24.00 5.90 -25.84
CA TRP A 160 -22.80 6.13 -26.64
C TRP A 160 -22.86 5.41 -27.99
N ALA A 163 -24.99 7.45 -30.56
CA ALA A 163 -24.22 8.53 -31.17
C ALA A 163 -23.10 8.00 -32.05
N ALA A 164 -22.53 6.86 -31.65
CA ALA A 164 -21.41 6.30 -32.41
C ALA A 164 -21.87 5.76 -33.77
N GLU A 165 -23.03 5.09 -33.80
CA GLU A 165 -23.57 4.62 -35.07
C GLU A 165 -23.91 5.77 -36.01
N LEU A 166 -24.19 6.95 -35.47
CA LEU A 166 -24.35 8.15 -36.27
C LEU A 166 -23.02 8.85 -36.53
N GLY A 167 -21.91 8.26 -36.09
CA GLY A 167 -20.58 8.71 -36.47
C GLY A 167 -19.94 9.75 -35.58
N PHE A 168 -20.49 10.00 -34.39
CA PHE A 168 -19.90 11.01 -33.52
C PHE A 168 -18.58 10.51 -32.95
N PRO A 169 -17.44 11.11 -33.31
CA PRO A 169 -16.14 10.52 -32.93
C PRO A 169 -15.88 10.51 -31.44
N GLU A 170 -16.39 11.49 -30.70
CA GLU A 170 -16.17 11.53 -29.26
C GLU A 170 -16.84 10.35 -28.57
N SER A 171 -18.02 9.95 -29.05
CA SER A 171 -18.68 8.76 -28.51
C SER A 171 -17.96 7.50 -28.94
N GLN A 172 -17.33 7.51 -30.12
CA GLN A 172 -16.59 6.33 -30.56
C GLN A 172 -15.33 6.14 -29.72
N ASN A 173 -14.63 7.24 -29.40
CA ASN A 173 -13.45 7.14 -28.57
C ASN A 173 -13.80 6.68 -27.15
N ASN A 174 -14.95 7.12 -26.63
CA ASN A 174 -15.37 6.69 -25.30
C ASN A 174 -15.67 5.21 -25.26
N LEU A 175 -16.34 4.68 -26.30
CA LEU A 175 -16.56 3.24 -26.37
C LEU A 175 -15.24 2.49 -26.52
N GLY A 176 -14.34 3.01 -27.36
CA GLY A 176 -13.05 2.36 -27.52
C GLY A 176 -12.26 2.30 -26.23
N ALA A 177 -12.26 3.40 -25.46
CA ALA A 177 -11.57 3.41 -24.18
C ALA A 177 -12.22 2.48 -23.17
N LEU A 178 -13.55 2.44 -23.15
CA LEU A 178 -14.27 1.61 -22.19
C LEU A 178 -13.99 0.12 -22.44
N TYR A 179 -14.12 -0.32 -23.69
CA TYR A 179 -13.84 -1.72 -24.01
C TYR A 179 -12.36 -2.04 -23.88
N ASN A 180 -11.49 -1.04 -23.78
CA ASN A 180 -10.06 -1.26 -23.64
C ASN A 180 -9.64 -1.41 -22.18
N ASP A 181 -10.22 -0.61 -21.28
N ASP A 181 -10.23 -0.63 -21.27
CA ASP A 181 -9.87 -0.67 -19.87
CA ASP A 181 -9.84 -0.69 -19.87
C ASP A 181 -10.65 -1.72 -19.11
C ASP A 181 -10.69 -1.65 -19.05
N GLY A 182 -11.91 -1.94 -19.48
CA GLY A 182 -12.75 -2.86 -18.74
C GLY A 182 -13.36 -2.29 -17.49
N ASN A 183 -13.42 -0.96 -17.37
CA ASN A 183 -13.93 -0.29 -16.16
C ASN A 183 -15.43 -0.07 -16.33
N GLY A 184 -16.19 -1.14 -16.08
CA GLY A 184 -17.64 -1.07 -16.15
C GLY A 184 -18.25 -2.18 -16.96
N VAL A 185 -17.58 -2.56 -18.04
CA VAL A 185 -17.98 -3.69 -18.88
C VAL A 185 -16.78 -4.60 -19.06
N ASP A 186 -17.03 -5.79 -19.59
CA ASP A 186 -15.95 -6.73 -19.85
C ASP A 186 -15.01 -6.16 -20.92
N ARG A 187 -13.71 -6.36 -20.70
CA ARG A 187 -12.72 -5.93 -21.69
C ARG A 187 -12.92 -6.68 -23.00
N ASP A 188 -12.95 -5.93 -24.10
CA ASP A 188 -13.13 -6.48 -25.44
C ASP A 188 -12.24 -5.69 -26.38
N TYR A 189 -11.01 -6.17 -26.57
CA TYR A 189 -10.03 -5.45 -27.39
C TYR A 189 -10.54 -5.30 -28.83
N GLN A 190 -11.19 -6.32 -29.37
CA GLN A 190 -11.62 -6.27 -30.76
C GLN A 190 -12.74 -5.25 -30.93
N GLU A 191 -13.66 -5.17 -29.96
CA GLU A 191 -14.70 -4.16 -30.02
C GLU A 191 -14.11 -2.76 -29.90
N ALA A 192 -13.07 -2.60 -29.08
CA ALA A 192 -12.40 -1.31 -28.97
C ALA A 192 -11.78 -0.90 -30.30
N VAL A 193 -11.13 -1.84 -30.99
CA VAL A 193 -10.52 -1.54 -32.29
C VAL A 193 -11.59 -1.12 -33.29
N PHE A 194 -12.78 -1.74 -33.22
CA PHE A 194 -13.84 -1.41 -34.16
C PHE A 194 -14.22 0.06 -34.08
N TRP A 195 -14.46 0.56 -32.87
CA TRP A 195 -14.86 1.95 -32.71
C TRP A 195 -13.70 2.92 -32.87
N TYR A 196 -12.50 2.52 -32.47
CA TYR A 196 -11.34 3.38 -32.66
C TYR A 196 -11.01 3.55 -34.13
N ARG A 197 -11.21 2.50 -34.93
N ARG A 197 -11.21 2.50 -34.93
CA ARG A 197 -10.95 2.59 -36.36
CA ARG A 197 -10.95 2.58 -36.37
C ARG A 197 -11.94 3.52 -37.04
C ARG A 197 -11.93 3.53 -37.04
N SER A 199 -13.35 6.04 -35.71
CA SER A 199 -12.94 7.36 -35.30
C SER A 199 -11.70 7.81 -36.09
N ALA A 200 -10.77 6.87 -36.27
CA ALA A 200 -9.56 7.16 -37.04
C ALA A 200 -9.88 7.42 -38.51
N LEU A 201 -10.76 6.61 -39.09
CA LEU A 201 -11.13 6.79 -40.49
C LEU A 201 -11.76 8.16 -40.75
N GLN A 202 -12.27 8.83 -39.72
CA GLN A 202 -12.83 10.16 -39.83
C GLN A 202 -11.83 11.26 -39.50
N GLY A 203 -10.58 10.91 -39.22
CA GLY A 203 -9.55 11.89 -39.00
C GLY A 203 -9.36 12.35 -37.56
N ASP A 204 -10.04 11.73 -36.60
CA ASP A 204 -9.90 12.14 -35.21
C ASP A 204 -8.54 11.71 -34.66
N GLU A 205 -7.79 12.68 -34.13
CA GLU A 205 -6.44 12.40 -33.65
C GLU A 205 -6.45 11.36 -32.53
N LEU A 206 -7.41 11.44 -31.61
CA LEU A 206 -7.44 10.49 -30.50
C LEU A 206 -7.81 9.09 -30.98
N GLY A 207 -8.67 8.99 -32.00
CA GLY A 207 -8.95 7.68 -32.57
C GLY A 207 -7.76 7.12 -33.32
N GLN A 208 -7.03 7.98 -34.04
CA GLN A 208 -5.85 7.54 -34.77
C GLN A 208 -4.75 7.07 -33.83
N TYR A 209 -4.54 7.79 -32.73
CA TYR A 209 -3.51 7.37 -31.78
C TYR A 209 -3.83 6.01 -31.19
N ASN A 210 -5.08 5.83 -30.74
CA ASN A 210 -5.43 4.57 -30.08
C ASN A 210 -5.46 3.41 -31.05
N LEU A 211 -5.77 3.66 -32.33
CA LEU A 211 -5.66 2.60 -33.31
C LEU A 211 -4.22 2.18 -33.52
N GLY A 212 -3.30 3.15 -33.52
CA GLY A 212 -1.89 2.82 -33.60
C GLY A 212 -1.40 2.02 -32.40
N VAL A 213 -1.87 2.38 -31.20
CA VAL A 213 -1.56 1.59 -30.02
C VAL A 213 -2.05 0.16 -30.19
N ALA A 214 -3.23 -0.01 -30.79
CA ALA A 214 -3.77 -1.34 -31.01
C ALA A 214 -2.87 -2.16 -31.93
N TYR A 215 -2.40 -1.55 -33.02
CA TYR A 215 -1.48 -2.24 -33.91
C TYR A 215 -0.14 -2.51 -33.23
N TYR A 216 0.32 -1.56 -32.40
CA TYR A 216 1.66 -1.68 -31.82
C TYR A 216 1.74 -2.84 -30.84
N TYR A 217 0.74 -2.98 -29.96
CA TYR A 217 0.76 -4.03 -28.96
C TYR A 217 0.01 -5.28 -29.40
N GLY A 218 -0.75 -5.21 -30.49
CA GLY A 218 -1.51 -6.37 -30.92
C GLY A 218 -2.73 -6.65 -30.07
N ARG A 219 -3.42 -5.59 -29.61
CA ARG A 219 -4.62 -5.73 -28.80
C ARG A 219 -5.84 -5.54 -29.71
N GLY A 220 -6.60 -6.61 -29.91
CA GLY A 220 -7.76 -6.57 -30.77
C GLY A 220 -7.46 -6.69 -32.24
N ILE A 221 -6.21 -6.87 -32.61
CA ILE A 221 -5.80 -6.96 -34.00
C ILE A 221 -4.38 -7.49 -34.03
N LYS A 222 -3.96 -8.04 -35.17
CA LYS A 222 -2.62 -8.61 -35.26
C LYS A 222 -1.58 -7.50 -35.18
N LYS A 223 -0.53 -7.75 -34.38
CA LYS A 223 0.53 -6.77 -34.18
C LYS A 223 1.18 -6.40 -35.51
N ASP A 224 1.32 -5.10 -35.76
CA ASP A 224 1.88 -4.60 -37.01
C ASP A 224 2.52 -3.25 -36.70
N PHE A 225 3.85 -3.23 -36.57
CA PHE A 225 4.55 -1.99 -36.27
C PHE A 225 4.41 -0.99 -37.41
N SER A 226 4.49 -1.46 -38.65
CA SER A 226 4.38 -0.56 -39.80
C SER A 226 3.03 0.14 -39.84
N GLU A 227 1.97 -0.55 -39.44
CA GLU A 227 0.66 0.07 -39.39
C GLU A 227 0.51 1.00 -38.20
N ALA A 228 1.18 0.67 -37.08
CA ALA A 228 1.17 1.57 -35.92
C ALA A 228 1.86 2.88 -36.25
N VAL A 229 2.99 2.82 -36.97
CA VAL A 229 3.66 4.04 -37.40
C VAL A 229 2.76 4.86 -38.30
N SER A 230 1.98 4.19 -39.15
CA SER A 230 1.12 4.89 -40.10
C SER A 230 0.05 5.70 -39.37
N TRP A 231 -0.53 5.13 -38.31
CA TRP A 231 -1.56 5.86 -37.57
C TRP A 231 -0.97 6.81 -36.54
N TYR A 232 0.15 6.44 -35.91
CA TYR A 232 0.86 7.37 -35.04
C TYR A 232 1.21 8.65 -35.79
N LYS A 233 1.65 8.53 -37.04
CA LYS A 233 2.12 9.70 -37.79
C LYS A 233 0.95 10.62 -38.15
N LYS A 234 -0.18 10.05 -38.55
CA LYS A 234 -1.35 10.88 -38.85
C LYS A 234 -1.86 11.59 -37.60
N SER A 235 -1.74 10.95 -36.44
CA SER A 235 -2.16 11.59 -35.20
C SER A 235 -1.13 12.59 -34.72
N ALA A 236 0.16 12.28 -34.87
CA ALA A 236 1.20 13.20 -34.45
C ALA A 236 1.21 14.47 -35.30
N GLU A 237 0.88 14.37 -36.58
CA GLU A 237 0.83 15.54 -37.44
C GLU A 237 -0.37 16.44 -37.14
N GLN A 238 -1.30 16.00 -36.30
CA GLN A 238 -2.34 16.85 -35.75
C GLN A 238 -1.97 17.39 -34.38
N ASP A 239 -0.70 17.26 -33.97
CA ASP A 239 -0.14 17.83 -32.76
C ASP A 239 -0.62 17.12 -31.49
N TYR A 240 -1.16 15.91 -31.61
CA TYR A 240 -1.54 15.16 -30.42
C TYR A 240 -0.28 14.66 -29.70
N ALA A 241 -0.13 15.05 -28.44
CA ALA A 241 1.16 14.89 -27.76
C ALA A 241 1.52 13.41 -27.59
N GLN A 242 0.59 12.61 -27.08
CA GLN A 242 0.92 11.20 -26.79
C GLN A 242 1.25 10.43 -28.06
N ALA A 243 0.69 10.83 -29.20
CA ALA A 243 1.05 10.19 -30.46
C ALA A 243 2.44 10.62 -30.92
N GLN A 244 2.82 11.88 -30.65
CA GLN A 244 4.17 12.32 -30.97
C GLN A 244 5.21 11.54 -30.19
N HIS A 245 4.87 11.14 -28.95
CA HIS A 245 5.80 10.35 -28.15
C HIS A 245 5.97 8.95 -28.73
N ASN A 246 4.86 8.24 -28.96
CA ASN A 246 4.94 6.87 -29.44
C ASN A 246 5.56 6.81 -30.83
N LEU A 247 5.28 7.81 -31.68
CA LEU A 247 5.94 7.87 -32.97
C LEU A 247 7.44 8.07 -32.80
N GLY A 248 7.84 8.88 -31.82
CA GLY A 248 9.25 9.01 -31.52
C GLY A 248 9.87 7.72 -31.03
N VAL A 249 9.09 6.88 -30.33
CA VAL A 249 9.62 5.61 -29.86
C VAL A 249 9.83 4.64 -31.02
N THR A 250 8.90 4.62 -31.98
CA THR A 250 9.05 3.72 -33.12
C THR A 250 10.28 4.08 -33.94
N TYR A 251 10.60 5.37 -34.04
CA TYR A 251 11.84 5.76 -34.72
C TYR A 251 13.05 5.34 -33.91
N TYR A 252 13.02 5.54 -32.60
CA TYR A 252 14.16 5.20 -31.75
C TYR A 252 14.45 3.70 -31.78
N GLU A 253 13.40 2.88 -31.72
CA GLU A 253 13.56 1.43 -31.68
C GLU A 253 13.62 0.80 -33.06
N GLY A 254 13.28 1.53 -34.12
CA GLY A 254 13.23 0.95 -35.44
C GLY A 254 12.11 -0.05 -35.61
N GLU A 255 10.96 0.21 -34.99
CA GLU A 255 9.81 -0.70 -35.04
C GLU A 255 8.84 -0.19 -36.10
N GLY A 256 8.75 -0.93 -37.21
CA GLY A 256 7.89 -0.55 -38.31
C GLY A 256 8.45 0.52 -39.21
N ILE A 257 9.68 0.96 -38.97
CA ILE A 257 10.30 2.03 -39.75
C ILE A 257 11.80 1.98 -39.47
N LYS A 258 12.58 2.55 -40.38
CA LYS A 258 14.03 2.55 -40.20
C LYS A 258 14.41 3.39 -38.99
N LYS A 259 15.33 2.86 -38.19
CA LYS A 259 15.79 3.56 -37.00
C LYS A 259 16.39 4.91 -37.38
N ASP A 260 15.92 5.98 -36.72
CA ASP A 260 16.36 7.34 -37.02
C ASP A 260 16.28 8.14 -35.72
N TYR A 261 17.44 8.29 -35.05
CA TYR A 261 17.47 9.02 -33.80
C TYR A 261 17.09 10.49 -33.98
N ALA A 262 17.32 11.05 -35.17
CA ALA A 262 16.96 12.44 -35.40
C ALA A 262 15.45 12.61 -35.46
N LYS A 263 14.73 11.70 -36.13
CA LYS A 263 13.28 11.77 -36.15
C LYS A 263 12.69 11.49 -34.77
N ALA A 264 13.38 10.69 -33.96
CA ALA A 264 12.94 10.47 -32.58
C ALA A 264 13.02 11.76 -31.78
N VAL A 265 14.17 12.44 -31.81
CA VAL A 265 14.33 13.70 -31.11
C VAL A 265 13.40 14.76 -31.69
N TYR A 266 13.15 14.70 -33.00
CA TYR A 266 12.23 15.64 -33.62
C TYR A 266 10.83 15.55 -33.00
N TRP A 267 10.33 14.32 -32.81
CA TRP A 267 8.99 14.15 -32.27
C TRP A 267 8.95 14.21 -30.75
N TRP A 268 10.05 13.86 -30.09
CA TRP A 268 10.10 13.93 -28.64
C TRP A 268 10.14 15.38 -28.17
N ALA A 271 6.59 16.56 -28.15
CA ALA A 271 5.87 15.86 -27.09
C ALA A 271 6.33 16.36 -25.72
N ALA A 272 7.64 16.60 -25.59
CA ALA A 272 8.15 17.14 -24.34
C ALA A 272 7.63 18.54 -24.08
N GLU A 273 7.55 19.38 -25.13
CA GLU A 273 7.02 20.72 -24.97
C GLU A 273 5.58 20.70 -24.46
N GLN A 274 4.80 19.70 -24.83
CA GLN A 274 3.43 19.58 -24.35
C GLN A 274 3.33 18.89 -23.00
N GLY A 275 4.45 18.49 -22.40
CA GLY A 275 4.46 18.01 -21.04
C GLY A 275 4.46 16.51 -20.83
N ILE A 276 4.74 15.71 -21.86
CA ILE A 276 4.81 14.26 -21.71
C ILE A 276 6.09 13.90 -20.95
N PRO A 277 5.98 13.36 -19.73
CA PRO A 277 7.20 13.15 -18.92
C PRO A 277 8.17 12.17 -19.54
N GLN A 278 7.68 11.06 -20.09
CA GLN A 278 8.60 10.10 -20.72
C GLN A 278 9.29 10.71 -21.93
N SER A 279 8.61 11.59 -22.66
CA SER A 279 9.25 12.27 -23.78
C SER A 279 10.34 13.21 -23.28
N GLN A 280 10.10 13.89 -22.17
CA GLN A 280 11.12 14.76 -21.59
C GLN A 280 12.33 13.95 -21.13
N TYR A 281 12.08 12.82 -20.46
CA TYR A 281 13.18 11.98 -20.00
C TYR A 281 13.98 11.43 -21.16
N ASN A 282 13.29 10.93 -22.20
CA ASN A 282 14.00 10.42 -23.37
C ASN A 282 14.77 11.52 -24.07
N LEU A 283 14.17 12.71 -24.17
CA LEU A 283 14.86 13.83 -24.80
C LEU A 283 16.10 14.25 -23.99
N GLY A 284 16.04 14.10 -22.67
CA GLY A 284 17.23 14.37 -21.87
C GLY A 284 18.35 13.39 -22.14
N ILE A 285 18.02 12.11 -22.29
CA ILE A 285 19.03 11.10 -22.62
C ILE A 285 19.67 11.43 -23.97
N ALA A 286 18.86 11.94 -24.91
CA ALA A 286 19.39 12.28 -26.23
C ALA A 286 20.47 13.35 -26.13
N TYR A 287 20.28 14.32 -25.24
CA TYR A 287 21.27 15.38 -25.07
C TYR A 287 22.51 14.90 -24.32
N GLU A 288 22.31 14.08 -23.28
CA GLU A 288 23.44 13.64 -22.46
C GLU A 288 24.36 12.71 -23.25
N GLU A 289 23.79 11.88 -24.12
CA GLU A 289 24.58 10.90 -24.87
C GLU A 289 24.91 11.35 -26.29
N GLY A 290 24.17 12.30 -26.85
CA GLY A 290 24.37 12.69 -28.23
C GLY A 290 23.70 11.77 -29.23
N TRP A 291 22.52 11.26 -28.90
CA TRP A 291 21.77 10.35 -29.77
C TRP A 291 20.63 11.13 -30.41
N GLY A 292 20.79 11.51 -31.67
CA GLY A 292 19.79 12.29 -32.37
C GLY A 292 19.83 13.77 -32.09
N ALA A 293 20.78 14.24 -31.30
CA ALA A 293 20.95 15.65 -31.02
C ALA A 293 22.40 15.88 -30.60
N GLU A 294 22.80 17.15 -30.62
CA GLU A 294 24.15 17.48 -30.19
C GLU A 294 24.28 17.31 -28.69
N LYS A 295 25.42 16.74 -28.26
CA LYS A 295 25.68 16.53 -26.85
C LYS A 295 25.64 17.86 -26.08
N ASN A 296 24.87 17.88 -24.99
CA ASN A 296 24.73 19.10 -24.20
C ASN A 296 24.27 18.76 -22.79
N PRO A 297 25.16 18.89 -21.79
CA PRO A 297 24.77 18.50 -20.43
C PRO A 297 23.69 19.39 -19.83
N GLU A 298 23.67 20.69 -20.15
CA GLU A 298 22.66 21.57 -19.58
C GLU A 298 21.27 21.27 -20.14
N ASN A 299 21.19 21.02 -21.46
CA ASN A 299 19.90 20.67 -22.06
C ASN A 299 19.37 19.35 -21.50
N ALA A 300 20.27 18.40 -21.20
CA ALA A 300 19.84 17.14 -20.61
C ALA A 300 19.23 17.36 -19.24
N VAL A 301 19.91 18.13 -18.39
CA VAL A 301 19.39 18.41 -17.05
C VAL A 301 18.12 19.24 -17.13
N PHE A 302 17.99 20.07 -18.16
CA PHE A 302 16.77 20.88 -18.31
C PHE A 302 15.55 19.99 -18.46
N TRP A 303 15.65 18.93 -19.27
CA TRP A 303 14.50 18.05 -19.48
C TRP A 303 14.37 16.99 -18.39
N TYR A 304 15.49 16.54 -17.81
CA TYR A 304 15.40 15.65 -16.65
C TYR A 304 14.59 16.30 -15.54
N ARG A 305 14.80 17.58 -15.30
CA ARG A 305 14.10 18.31 -14.25
C ARG A 305 12.62 18.44 -14.58
N ALA A 307 10.81 16.34 -16.14
CA ALA A 307 10.17 15.06 -15.91
C ALA A 307 10.23 14.68 -14.44
N ALA A 308 11.34 15.00 -13.78
CA ALA A 308 11.48 14.71 -12.36
C ALA A 308 10.47 15.47 -11.52
N GLU A 309 10.12 16.69 -11.92
CA GLU A 309 9.11 17.46 -11.20
C GLU A 309 7.71 16.90 -11.39
N GLN A 310 7.51 15.96 -12.31
CA GLN A 310 6.22 15.31 -12.49
C GLN A 310 6.16 13.93 -11.84
N GLY A 311 7.26 13.47 -11.25
CA GLY A 311 7.28 12.19 -10.58
C GLY A 311 7.95 11.06 -11.35
N HIS A 312 8.64 11.37 -12.43
CA HIS A 312 9.34 10.34 -13.21
C HIS A 312 10.54 9.84 -12.42
N ALA A 313 10.48 8.58 -11.97
CA ALA A 313 11.53 8.06 -11.08
C ALA A 313 12.88 8.02 -11.78
N ASP A 314 12.93 7.49 -13.01
CA ASP A 314 14.18 7.44 -13.74
C ASP A 314 14.75 8.84 -13.95
N ALA A 315 13.88 9.84 -14.15
CA ALA A 315 14.36 11.21 -14.30
C ALA A 315 14.87 11.76 -12.97
N GLN A 316 14.18 11.44 -11.88
CA GLN A 316 14.66 11.86 -10.56
C GLN A 316 16.03 11.28 -10.27
N ASN A 317 16.27 10.03 -10.68
CA ASN A 317 17.58 9.41 -10.46
C ASN A 317 18.66 10.07 -11.32
N ARG A 318 18.37 10.31 -12.60
CA ARG A 318 19.35 10.97 -13.46
C ARG A 318 19.63 12.39 -12.99
N LEU A 319 18.60 13.10 -12.52
CA LEU A 319 18.81 14.42 -11.96
C LEU A 319 19.60 14.33 -10.66
N GLY A 320 19.35 13.31 -9.84
CA GLY A 320 20.11 13.12 -8.62
C GLY A 320 21.58 12.83 -8.89
N ILE A 321 21.88 12.11 -9.97
CA ILE A 321 23.26 11.85 -10.33
C ILE A 321 23.92 13.12 -10.86
N ALA A 322 23.17 13.93 -11.60
CA ALA A 322 23.74 15.17 -12.14
C ALA A 322 24.14 16.13 -11.03
N TYR A 323 23.45 16.09 -9.89
CA TYR A 323 23.87 16.88 -8.73
C TYR A 323 25.05 16.26 -8.02
N ARG A 324 25.20 14.93 -8.10
CA ARG A 324 26.30 14.25 -7.41
C ARG A 324 27.65 14.66 -7.97
N TYR A 325 27.78 14.67 -9.30
CA TYR A 325 29.05 14.99 -9.96
C TYR A 325 29.05 16.38 -10.58
N GLY A 326 27.94 17.11 -10.51
CA GLY A 326 27.89 18.45 -11.06
C GLY A 326 27.91 18.52 -12.57
N THR A 327 27.32 17.53 -13.25
CA THR A 327 27.29 17.49 -14.70
C THR A 327 25.99 18.13 -15.18
N GLY A 328 26.11 19.27 -15.88
CA GLY A 328 24.96 20.02 -16.33
C GLY A 328 24.36 20.95 -15.31
N VAL A 329 24.81 20.90 -14.05
CA VAL A 329 24.33 21.74 -12.97
C VAL A 329 25.44 21.83 -11.93
N ARG A 330 25.29 22.78 -11.00
CA ARG A 330 26.27 22.92 -9.92
C ARG A 330 26.21 21.72 -8.99
N LYS A 331 27.37 21.20 -8.63
CA LYS A 331 27.43 20.06 -7.72
C LYS A 331 26.82 20.43 -6.37
N ASN A 332 25.87 19.61 -5.93
CA ASN A 332 25.11 19.88 -4.70
C ASN A 332 24.77 18.54 -4.06
N PRO A 333 25.57 18.08 -3.10
CA PRO A 333 25.26 16.80 -2.46
C PRO A 333 23.94 16.79 -1.73
N ALA A 334 23.45 17.95 -1.29
CA ALA A 334 22.16 18.00 -0.60
C ALA A 334 21.02 17.72 -1.55
N LEU A 335 21.03 18.36 -2.72
CA LEU A 335 19.97 18.13 -3.71
C LEU A 335 20.08 16.75 -4.34
N SER A 336 21.30 16.20 -4.45
CA SER A 336 21.47 14.87 -5.00
C SER A 336 20.75 13.83 -4.14
N VAL A 337 20.87 13.95 -2.82
CA VAL A 337 20.21 13.00 -1.93
C VAL A 337 18.69 13.16 -1.99
N LYS A 338 18.22 14.41 -2.13
CA LYS A 338 16.78 14.65 -2.18
C LYS A 338 16.15 14.00 -3.41
N TRP A 339 16.80 14.12 -4.57
CA TRP A 339 16.24 13.54 -5.79
C TRP A 339 16.45 12.03 -5.84
N LEU A 340 17.59 11.54 -5.37
CA LEU A 340 17.80 10.10 -5.34
C LEU A 340 16.84 9.41 -4.38
N GLU A 341 16.48 10.08 -3.28
CA GLU A 341 15.56 9.47 -2.31
C GLU A 341 14.13 9.44 -2.83
N LYS A 342 13.71 10.47 -3.58
CA LYS A 342 12.37 10.48 -4.13
C LYS A 342 12.17 9.31 -5.10
N ALA A 343 13.19 8.98 -5.88
CA ALA A 343 13.11 7.84 -6.78
C ALA A 343 13.29 6.52 -6.03
N ALA A 344 14.17 6.51 -5.03
CA ALA A 344 14.36 5.30 -4.24
C ALA A 344 13.11 4.94 -3.47
N LYS A 345 12.39 5.94 -2.95
CA LYS A 345 11.14 5.68 -2.27
C LYS A 345 10.03 5.26 -3.24
N GLN A 346 10.14 5.62 -4.52
CA GLN A 346 9.22 5.11 -5.53
C GLN A 346 9.51 3.66 -5.90
N GLY A 347 10.62 3.10 -5.44
CA GLY A 347 10.96 1.72 -5.70
C GLY A 347 11.92 1.47 -6.85
N LEU A 348 12.52 2.52 -7.41
CA LEU A 348 13.49 2.34 -8.50
C LEU A 348 14.77 1.74 -7.94
N ALA A 349 15.10 0.53 -8.40
CA ALA A 349 16.22 -0.20 -7.81
C ALA A 349 17.54 0.54 -8.01
N ARG A 350 17.74 1.10 -9.19
N ARG A 350 17.75 1.13 -9.18
CA ARG A 350 18.96 1.84 -9.50
CA ARG A 350 19.03 1.80 -9.40
C ARG A 350 19.13 3.04 -8.56
C ARG A 350 19.15 3.10 -8.61
N ALA A 351 18.03 3.72 -8.23
CA ALA A 351 18.10 4.87 -7.33
C ALA A 351 18.32 4.43 -5.89
N GLN A 352 17.81 3.27 -5.51
CA GLN A 352 18.08 2.73 -4.18
C GLN A 352 19.56 2.40 -4.02
N PHE A 353 20.19 1.91 -5.08
CA PHE A 353 21.62 1.62 -5.01
C PHE A 353 22.43 2.91 -4.94
N ASN A 354 22.11 3.89 -5.79
CA ASN A 354 22.85 5.15 -5.78
C ASN A 354 22.72 5.86 -4.43
N LEU A 355 21.51 5.86 -3.86
CA LEU A 355 21.33 6.45 -2.54
C LEU A 355 22.09 5.67 -1.47
N GLY A 356 22.09 4.33 -1.59
CA GLY A 356 22.85 3.53 -0.63
C GLY A 356 24.34 3.75 -0.75
N LYS A 357 24.85 3.85 -1.98
CA LYS A 357 26.27 4.11 -2.17
C LYS A 357 26.65 5.51 -1.69
N THR A 358 25.73 6.48 -1.82
CA THR A 358 25.99 7.82 -1.32
C THR A 358 26.14 7.82 0.19
N PHE A 359 25.28 7.06 0.89
CA PHE A 359 25.40 6.92 2.33
C PHE A 359 26.62 6.09 2.71
N TYR A 360 26.92 5.07 1.91
CA TYR A 360 28.03 4.18 2.24
C TYR A 360 29.38 4.87 2.08
N ILE A 361 29.52 5.69 1.03
CA ILE A 361 30.78 6.39 0.82
C ILE A 361 30.85 7.64 1.70
N GLY A 362 29.75 8.37 1.80
CA GLY A 362 29.73 9.60 2.59
C GLY A 362 30.32 10.79 1.89
N ALA A 363 30.18 10.88 0.57
CA ALA A 363 30.73 12.01 -0.18
C ALA A 363 29.73 13.16 -0.16
N GLY A 364 30.15 14.30 0.37
CA GLY A 364 29.30 15.46 0.47
C GLY A 364 28.31 15.46 1.61
N ILE A 365 28.07 14.31 2.23
CA ILE A 365 27.17 14.20 3.38
C ILE A 365 27.80 13.25 4.39
N ASN A 366 27.15 13.13 5.55
CA ASN A 366 27.65 12.24 6.59
C ASN A 366 27.47 10.78 6.19
N LYS A 367 28.50 9.97 6.46
CA LYS A 367 28.41 8.55 6.20
C LYS A 367 27.41 7.90 7.15
N ASN A 368 26.58 7.02 6.62
CA ASN A 368 25.53 6.34 7.40
C ASN A 368 25.39 4.92 6.84
N THR A 369 26.05 3.96 7.50
CA THR A 369 26.04 2.59 7.00
C THR A 369 24.71 1.90 7.23
N ASP A 370 23.93 2.34 8.22
CA ASP A 370 22.61 1.75 8.44
C ASP A 370 21.70 2.00 7.24
N LYS A 371 21.57 3.26 6.83
CA LYS A 371 20.79 3.58 5.64
C LYS A 371 21.42 2.97 4.39
N ALA A 372 22.75 2.88 4.36
CA ALA A 372 23.42 2.26 3.22
C ALA A 372 23.02 0.80 3.09
N VAL A 373 23.11 0.03 4.19
CA VAL A 373 22.71 -1.37 4.15
C VAL A 373 21.22 -1.48 3.85
N TYR A 374 20.42 -0.56 4.40
CA TYR A 374 18.97 -0.61 4.18
C TYR A 374 18.63 -0.48 2.70
N TRP A 375 19.28 0.44 1.99
CA TRP A 375 18.97 0.64 0.58
C TRP A 375 19.68 -0.36 -0.31
N PHE A 376 20.86 -0.84 0.08
CA PHE A 376 21.53 -1.88 -0.69
C PHE A 376 20.71 -3.16 -0.73
N ILE A 377 20.05 -3.49 0.39
CA ILE A 377 19.24 -4.71 0.44
C ILE A 377 17.99 -4.55 -0.41
N LYS A 378 17.37 -3.38 -0.39
CA LYS A 378 16.20 -3.12 -1.23
C LYS A 378 16.53 -3.30 -2.70
N ALA A 379 17.67 -2.78 -3.14
CA ALA A 379 18.03 -2.86 -4.55
C ALA A 379 18.53 -4.24 -4.93
N ALA A 380 19.27 -4.90 -4.04
CA ALA A 380 19.73 -6.25 -4.31
C ALA A 380 18.55 -7.21 -4.45
N ASN A 381 17.51 -7.02 -3.64
CA ASN A 381 16.34 -7.88 -3.72
C ASN A 381 15.60 -7.72 -5.05
N GLN A 382 15.70 -6.56 -5.67
CA GLN A 382 15.11 -6.36 -6.99
C GLN A 382 16.01 -6.88 -8.11
N GLY A 383 17.19 -7.36 -7.79
CA GLY A 383 18.09 -7.91 -8.78
C GLY A 383 19.14 -6.96 -9.33
N PHE A 384 19.35 -5.81 -8.71
CA PHE A 384 20.35 -4.87 -9.20
C PHE A 384 21.75 -5.41 -8.89
N THR A 385 22.53 -5.63 -9.93
CA THR A 385 23.78 -6.38 -9.82
C THR A 385 24.76 -5.70 -8.87
N GLU A 386 24.99 -4.40 -9.05
CA GLU A 386 25.99 -3.71 -8.24
C GLU A 386 25.58 -3.61 -6.78
N ALA A 387 24.28 -3.56 -6.50
CA ALA A 387 23.83 -3.60 -5.12
C ALA A 387 24.16 -4.94 -4.47
N GLN A 388 24.10 -6.02 -5.25
CA GLN A 388 24.42 -7.34 -4.73
C GLN A 388 25.91 -7.49 -4.45
N ALA A 389 26.75 -6.81 -5.23
CA ALA A 389 28.18 -6.86 -4.97
C ALA A 389 28.54 -6.14 -3.67
N TYR A 390 27.94 -4.98 -3.43
CA TYR A 390 28.19 -4.25 -2.20
C TYR A 390 27.69 -5.01 -0.98
N ILE A 391 26.43 -5.45 -1.02
CA ILE A 391 25.87 -6.15 0.14
C ILE A 391 26.51 -7.51 0.35
N GLY A 392 27.15 -8.07 -0.69
CA GLY A 392 27.86 -9.32 -0.50
C GLY A 392 29.13 -9.16 0.31
N ILE A 394 29.69 -6.53 2.44
CA ILE A 394 29.27 -6.09 3.77
C ILE A 394 28.95 -7.28 4.65
N TYR A 395 28.20 -8.25 4.11
CA TYR A 395 27.91 -9.47 4.86
C TYR A 395 29.18 -10.27 5.13
N PHE A 396 30.10 -10.29 4.19
CA PHE A 396 31.30 -11.10 4.32
C PHE A 396 32.29 -10.50 5.31
N GLY A 398 31.49 -8.25 7.77
CA GLY A 398 30.82 -8.32 9.06
C GLY A 398 31.22 -7.21 10.02
N LYS A 399 31.48 -6.01 9.48
CA LYS A 399 31.82 -4.84 10.27
C LYS A 399 30.59 -3.99 10.59
N TYR A 400 29.84 -3.58 9.57
CA TYR A 400 28.64 -2.77 9.77
C TYR A 400 27.38 -3.61 9.88
N VAL A 401 27.50 -4.93 9.76
CA VAL A 401 26.39 -5.87 9.86
C VAL A 401 26.94 -7.14 10.50
N ALA A 402 26.04 -8.00 10.96
CA ALA A 402 26.46 -9.29 11.49
C ALA A 402 27.09 -10.12 10.38
N ASN A 404 28.01 -12.91 7.92
CA ASN A 404 27.27 -14.00 7.31
C ASN A 404 27.94 -14.41 6.01
N GLU A 405 28.75 -15.46 6.07
CA GLU A 405 29.47 -15.89 4.87
C GLU A 405 28.53 -16.47 3.83
N LYS A 406 27.47 -17.16 4.24
CA LYS A 406 26.54 -17.74 3.29
C LYS A 406 25.85 -16.66 2.47
N LYS A 407 25.26 -15.67 3.14
CA LYS A 407 24.64 -14.56 2.43
C LYS A 407 25.67 -13.79 1.59
N GLY A 408 26.89 -13.63 2.12
CA GLY A 408 27.91 -12.94 1.37
C GLY A 408 28.24 -13.61 0.05
N PHE A 409 28.53 -14.90 0.08
CA PHE A 409 28.79 -15.62 -1.16
C PHE A 409 27.55 -15.73 -2.02
N TYR A 410 26.37 -15.77 -1.42
CA TYR A 410 25.14 -15.81 -2.19
C TYR A 410 25.02 -14.59 -3.10
N TRP A 411 25.20 -13.39 -2.54
CA TRP A 411 25.09 -12.18 -3.33
C TRP A 411 26.30 -11.97 -4.22
N LEU A 412 27.50 -12.36 -3.76
CA LEU A 412 28.70 -12.16 -4.57
C LEU A 412 28.67 -13.00 -5.83
N LYS A 413 28.23 -14.26 -5.73
CA LYS A 413 28.14 -15.10 -6.91
C LYS A 413 27.03 -14.63 -7.85
N LYS A 414 25.92 -14.15 -7.28
CA LYS A 414 24.83 -13.62 -8.10
C LYS A 414 25.28 -12.39 -8.88
N ALA A 415 26.10 -11.55 -8.26
CA ALA A 415 26.62 -10.36 -8.95
C ALA A 415 27.69 -10.76 -9.96
N ALA A 416 28.58 -11.67 -9.58
CA ALA A 416 29.58 -12.17 -10.52
C ALA A 416 28.95 -12.90 -11.70
N GLU A 417 27.74 -13.44 -11.52
CA GLU A 417 27.05 -14.08 -12.63
C GLU A 417 26.67 -13.07 -13.71
N LYS A 418 26.36 -11.84 -13.33
CA LYS A 418 26.04 -10.77 -14.27
C LYS A 418 27.25 -9.90 -14.61
N ASP A 419 28.47 -10.45 -14.48
CA ASP A 419 29.71 -9.80 -14.90
C ASP A 419 30.00 -8.53 -14.10
N SER A 420 29.71 -8.56 -12.80
CA SER A 420 30.06 -7.45 -11.92
C SER A 420 31.58 -7.41 -11.74
N ALA A 421 32.22 -6.35 -12.22
CA ALA A 421 33.67 -6.22 -12.13
C ALA A 421 34.14 -6.19 -10.69
N ALA A 423 32.49 -7.60 -7.95
CA ALA A 423 32.30 -8.90 -7.31
C ALA A 423 33.30 -9.92 -7.83
N GLN A 424 33.62 -9.83 -9.13
CA GLN A 424 34.60 -10.75 -9.71
C GLN A 424 35.98 -10.53 -9.09
N ALA A 425 36.38 -9.28 -8.91
CA ALA A 425 37.71 -9.00 -8.38
C ALA A 425 37.85 -9.50 -6.94
N PHE A 426 36.80 -9.34 -6.13
CA PHE A 426 36.88 -9.75 -4.73
C PHE A 426 36.80 -11.27 -4.59
N LEU A 427 35.90 -11.91 -5.33
CA LEU A 427 35.86 -13.37 -5.32
C LEU A 427 37.17 -13.96 -5.79
N GLY A 428 37.82 -13.32 -6.78
CA GLY A 428 39.11 -13.79 -7.22
C GLY A 428 40.18 -13.63 -6.16
N ALA A 429 40.16 -12.50 -5.43
CA ALA A 429 41.14 -12.28 -4.37
C ALA A 429 40.97 -13.31 -3.26
N LEU A 430 39.72 -13.67 -2.93
CA LEU A 430 39.48 -14.68 -1.92
C LEU A 430 39.99 -16.05 -2.37
N TYR A 431 39.70 -16.41 -3.63
CA TYR A 431 40.11 -17.72 -4.13
C TYR A 431 41.62 -17.82 -4.27
N ILE A 432 42.30 -16.73 -4.62
CA ILE A 432 43.74 -16.76 -4.82
C ILE A 432 44.48 -16.82 -3.49
N ALA A 433 44.01 -16.07 -2.49
CA ALA A 433 44.69 -16.04 -1.21
C ALA A 433 44.50 -17.34 -0.45
N GLY A 434 43.31 -17.95 -0.55
CA GLY A 434 43.05 -19.18 0.17
C GLY A 434 43.19 -19.05 1.67
N ASN A 435 42.90 -17.87 2.23
CA ASN A 435 43.07 -17.61 3.65
C ASN A 435 41.75 -17.73 4.40
N GLU A 436 40.83 -16.82 4.12
CA GLU A 436 39.51 -16.85 4.77
C GLU A 436 38.60 -17.91 4.17
N VAL A 437 38.94 -18.45 2.99
CA VAL A 437 38.17 -19.52 2.35
C VAL A 437 39.17 -20.55 1.82
N LYS A 438 38.63 -21.67 1.33
CA LYS A 438 39.48 -22.71 0.79
C LYS A 438 40.14 -22.24 -0.51
N PRO A 439 41.38 -22.66 -0.78
CA PRO A 439 42.04 -22.22 -2.01
C PRO A 439 41.29 -22.68 -3.25
N ASN A 440 41.17 -21.78 -4.21
CA ASN A 440 40.53 -22.05 -5.50
C ASN A 440 41.24 -21.19 -6.55
N ILE A 441 42.54 -21.44 -6.72
CA ILE A 441 43.38 -20.52 -7.50
C ILE A 441 42.95 -20.47 -8.95
N LYS A 442 42.64 -21.63 -9.54
CA LYS A 442 42.33 -21.68 -10.97
C LYS A 442 41.12 -20.83 -11.31
N GLU A 443 40.04 -20.99 -10.54
CA GLU A 443 38.88 -20.13 -10.74
C GLU A 443 39.16 -18.70 -10.28
N GLY A 444 40.07 -18.53 -9.32
CA GLY A 444 40.39 -17.19 -8.85
C GLY A 444 41.07 -16.35 -9.91
N VAL A 445 42.06 -16.93 -10.60
CA VAL A 445 42.74 -16.20 -11.66
C VAL A 445 41.79 -15.92 -12.82
N ALA A 446 40.86 -16.84 -13.10
CA ALA A 446 39.90 -16.62 -14.18
C ALA A 446 38.97 -15.45 -13.86
N LEU A 447 38.45 -15.40 -12.64
CA LEU A 447 37.65 -14.25 -12.22
C LEU A 447 38.47 -12.97 -12.23
N THR A 448 39.74 -13.06 -11.85
CA THR A 448 40.62 -11.90 -11.88
C THR A 448 40.83 -11.38 -13.29
N LYS A 449 41.00 -12.30 -14.25
CA LYS A 449 41.17 -11.88 -15.64
C LYS A 449 39.92 -11.21 -16.18
N LYS A 450 38.73 -11.73 -15.82
CA LYS A 450 37.49 -11.14 -16.31
C LYS A 450 37.28 -9.73 -15.78
N ALA A 451 37.62 -9.49 -14.52
CA ALA A 451 37.45 -8.16 -13.95
C ALA A 451 38.51 -7.19 -14.49
N ALA A 452 39.73 -7.68 -14.72
CA ALA A 452 40.78 -6.82 -15.26
C ALA A 452 40.45 -6.33 -16.66
N LEU A 453 39.73 -7.14 -17.44
CA LEU A 453 39.35 -6.73 -18.79
C LEU A 453 38.31 -5.60 -18.77
N GLN A 454 37.53 -5.51 -17.70
CA GLN A 454 36.55 -4.43 -17.55
C GLN A 454 37.15 -3.16 -16.94
N GLY A 455 38.48 -3.03 -16.96
CA GLY A 455 39.14 -1.84 -16.46
C GLY A 455 39.44 -1.82 -14.98
N ASN A 456 39.09 -2.87 -14.24
CA ASN A 456 39.33 -2.91 -12.80
C ASN A 456 40.82 -3.07 -12.54
N TYR A 457 41.46 -2.01 -12.04
CA TYR A 457 42.90 -2.05 -11.81
C TYR A 457 43.29 -2.80 -10.54
N GLU A 458 42.35 -2.98 -9.60
CA GLU A 458 42.62 -3.85 -8.47
C GLU A 458 42.80 -5.29 -8.93
N ALA A 459 42.00 -5.73 -9.90
CA ALA A 459 42.18 -7.06 -10.46
C ALA A 459 43.50 -7.16 -11.22
N GLN A 460 43.86 -6.12 -11.98
CA GLN A 460 45.13 -6.12 -12.68
C GLN A 460 46.30 -6.27 -11.72
N THR A 461 46.25 -5.56 -10.60
CA THR A 461 47.29 -5.70 -9.58
C THR A 461 47.30 -7.11 -9.00
N LEU A 462 46.12 -7.69 -8.79
N LEU A 462 46.12 -7.68 -8.78
CA LEU A 462 46.06 -9.05 -8.29
CA LEU A 462 46.03 -9.06 -8.30
C LEU A 462 46.60 -10.04 -9.31
C LEU A 462 46.61 -10.03 -9.31
N LEU A 463 46.29 -9.83 -10.60
CA LEU A 463 46.85 -10.70 -11.63
C LEU A 463 48.36 -10.53 -11.73
N GLY A 464 48.85 -9.31 -11.59
CA GLY A 464 50.29 -9.11 -11.54
C GLY A 464 50.93 -9.75 -10.33
N PHE A 465 50.20 -9.81 -9.21
CA PHE A 465 50.69 -10.52 -8.03
C PHE A 465 50.83 -12.01 -8.31
N CYS A 466 49.93 -12.57 -9.12
CA CYS A 466 50.03 -13.98 -9.47
C CYS A 466 51.22 -14.26 -10.36
N TYR A 467 51.47 -13.39 -11.35
CA TYR A 467 52.65 -13.59 -12.20
C TYR A 467 53.93 -13.35 -11.42
N GLU A 468 53.90 -12.47 -10.41
CA GLU A 468 55.11 -12.18 -9.66
C GLU A 468 55.55 -13.36 -8.80
N ASN A 469 54.60 -14.15 -8.30
CA ASN A 469 54.90 -15.21 -7.36
C ASN A 469 54.50 -16.59 -7.86
N GLY A 470 54.15 -16.72 -9.13
CA GLY A 470 53.83 -18.02 -9.70
C GLY A 470 52.59 -18.66 -9.14
N LEU A 471 51.54 -17.87 -8.89
CA LEU A 471 50.26 -18.39 -8.40
C LEU A 471 49.44 -18.85 -9.60
N GLU A 472 49.25 -20.15 -9.73
CA GLU A 472 48.59 -20.79 -10.87
C GLU A 472 49.35 -20.54 -12.16
N VAL A 473 49.51 -19.27 -12.55
CA VAL A 473 50.29 -18.96 -13.73
C VAL A 473 51.76 -19.21 -13.47
N LYS A 474 52.51 -19.43 -14.56
CA LYS A 474 53.95 -19.58 -14.46
C LYS A 474 54.57 -18.26 -14.04
N LYS A 475 55.56 -18.33 -13.14
CA LYS A 475 56.19 -17.13 -12.61
C LYS A 475 56.83 -16.32 -13.73
N ASP A 476 56.48 -15.03 -13.80
CA ASP A 476 56.94 -14.16 -14.88
C ASP A 476 57.01 -12.74 -14.31
N LEU A 477 58.21 -12.29 -13.96
CA LEU A 477 58.38 -10.95 -13.42
C LEU A 477 58.22 -9.87 -14.48
N ILE A 478 58.46 -10.20 -15.76
CA ILE A 478 58.23 -9.24 -16.82
C ILE A 478 56.75 -8.91 -16.95
N ALA A 479 55.91 -9.95 -16.94
CA ALA A 479 54.47 -9.74 -17.00
C ALA A 479 53.97 -9.03 -15.74
N ALA A 480 54.60 -9.31 -14.59
CA ALA A 480 54.18 -8.66 -13.35
C ALA A 480 54.45 -7.15 -13.40
N TYR A 481 55.64 -6.76 -13.87
CA TYR A 481 55.94 -5.34 -13.99
C TYR A 481 54.99 -4.65 -14.96
N ALA A 482 54.71 -5.29 -16.09
CA ALA A 482 53.82 -4.69 -17.07
C ALA A 482 52.42 -4.48 -16.50
N LEU A 483 51.92 -5.44 -15.72
CA LEU A 483 50.61 -5.29 -15.11
C LEU A 483 50.64 -4.26 -13.98
N TYR A 484 51.69 -4.29 -13.15
CA TYR A 484 51.83 -3.29 -12.11
C TYR A 484 51.96 -1.88 -12.70
N LEU A 485 52.65 -1.77 -13.84
CA LEU A 485 52.81 -0.47 -14.48
C LEU A 485 51.47 0.09 -14.95
N SER A 486 50.63 -0.78 -15.55
CA SER A 486 49.34 -0.33 -16.04
C SER A 486 48.43 0.16 -14.91
N ALA A 487 48.42 -0.56 -13.80
CA ALA A 487 47.59 -0.19 -12.65
C ALA A 487 48.28 0.79 -11.71
N SER A 488 49.54 1.13 -11.96
CA SER A 488 50.27 2.02 -11.06
C SER A 488 49.60 3.36 -10.82
N PRO A 489 49.05 4.06 -11.83
CA PRO A 489 48.42 5.36 -11.56
C PRO A 489 47.13 5.27 -10.76
N HIS A 490 46.52 4.09 -10.65
CA HIS A 490 45.19 3.97 -10.06
C HIS A 490 45.17 3.22 -8.73
N PHE A 491 46.15 2.38 -8.46
CA PHE A 491 46.17 1.56 -7.25
C PHE A 491 47.51 1.73 -6.56
N ASP A 492 47.47 2.10 -5.28
CA ASP A 492 48.71 2.40 -4.56
C ASP A 492 49.59 1.18 -4.41
N PHE A 493 48.99 -0.01 -4.25
CA PHE A 493 49.79 -1.22 -4.10
C PHE A 493 50.54 -1.53 -5.40
N ALA A 494 49.94 -1.24 -6.54
CA ALA A 494 50.61 -1.47 -7.82
C ALA A 494 51.85 -0.59 -7.96
N GLU A 495 51.78 0.66 -7.48
CA GLU A 495 52.94 1.54 -7.55
C GLU A 495 54.04 1.08 -6.62
N LYS A 496 53.68 0.63 -5.42
CA LYS A 496 54.69 0.11 -4.50
C LYS A 496 55.30 -1.18 -5.02
N ALA A 497 54.48 -2.04 -5.64
CA ALA A 497 55.00 -3.28 -6.19
C ALA A 497 55.85 -3.04 -7.43
N ARG A 498 55.56 -1.96 -8.17
CA ARG A 498 56.37 -1.65 -9.35
C ARG A 498 57.75 -1.15 -8.95
N LEU A 499 57.82 -0.31 -7.91
CA LEU A 499 59.11 0.18 -7.45
C LEU A 499 59.96 -0.94 -6.86
N ASP A 500 59.33 -1.93 -6.22
CA ASP A 500 60.08 -3.04 -5.67
C ASP A 500 60.65 -3.93 -6.78
N LEU A 501 59.88 -4.15 -7.84
CA LEU A 501 60.38 -4.93 -8.96
C LEU A 501 61.48 -4.18 -9.72
N GLU A 502 61.39 -2.86 -9.78
CA GLU A 502 62.41 -2.07 -10.46
C GLU A 502 63.77 -2.24 -9.81
N ARG A 503 63.79 -2.49 -8.49
CA ARG A 503 65.06 -2.78 -7.81
C ARG A 503 65.63 -4.12 -8.22
N LYS A 504 64.78 -5.09 -8.54
CA LYS A 504 65.22 -6.46 -8.80
C LYS A 504 65.43 -6.78 -10.28
N LEU A 505 64.91 -5.94 -11.19
CA LEU A 505 65.03 -6.20 -12.61
C LEU A 505 66.20 -5.42 -13.20
N SER A 506 66.84 -6.02 -14.20
CA SER A 506 67.91 -5.34 -14.93
C SER A 506 67.31 -4.34 -15.93
N GLU A 507 68.19 -3.49 -16.47
CA GLU A 507 67.73 -2.50 -17.43
C GLU A 507 67.08 -3.16 -18.65
N GLN A 508 67.68 -4.24 -19.13
CA GLN A 508 67.10 -4.96 -20.27
C GLN A 508 65.71 -5.49 -19.94
N GLU A 509 65.51 -5.99 -18.71
CA GLU A 509 64.21 -6.52 -18.33
C GLU A 509 63.19 -5.40 -18.15
N ILE A 510 63.61 -4.27 -17.58
CA ILE A 510 62.74 -3.12 -17.46
C ILE A 510 62.28 -2.65 -18.83
N ALA A 511 63.20 -2.66 -19.80
CA ALA A 511 62.86 -2.20 -21.14
C ALA A 511 61.82 -3.09 -21.81
N LYS A 512 61.97 -4.41 -21.68
CA LYS A 512 60.97 -5.31 -22.25
C LYS A 512 59.63 -5.18 -21.54
N ALA A 513 59.65 -5.10 -20.21
CA ALA A 513 58.40 -5.07 -19.44
C ALA A 513 57.58 -3.81 -19.76
N ILE A 514 58.24 -2.67 -19.89
CA ILE A 514 57.54 -1.43 -20.22
C ILE A 514 56.87 -1.54 -21.58
N SER A 515 57.53 -2.20 -22.53
CA SER A 515 57.03 -2.31 -23.90
C SER A 515 56.05 -3.46 -24.08
N VAL A 516 55.79 -4.25 -23.05
CA VAL A 516 54.93 -5.41 -23.16
C VAL A 516 53.50 -4.97 -23.46
N ASN A 517 52.88 -5.62 -24.44
CA ASN A 517 51.44 -5.53 -24.62
C ASN A 517 50.77 -6.57 -23.74
N THR A 518 49.95 -6.11 -22.80
CA THR A 518 49.37 -6.96 -21.77
C THR A 518 48.13 -7.71 -22.23
N ALA A 519 47.82 -7.70 -23.53
CA ALA A 519 46.59 -8.33 -24.00
C ALA A 519 46.60 -9.83 -23.76
N LYS A 520 47.72 -10.49 -24.09
CA LYS A 520 47.80 -11.93 -23.93
C LYS A 520 47.70 -12.36 -22.46
N LEU A 521 48.01 -11.46 -21.53
CA LEU A 521 48.01 -11.82 -20.11
C LEU A 521 46.60 -11.99 -19.55
N PHE A 522 45.58 -11.46 -20.23
CA PHE A 522 44.21 -11.57 -19.76
C PHE A 522 43.43 -12.72 -20.39
N GLU A 523 44.00 -13.38 -21.40
CA GLU A 523 43.31 -14.47 -22.07
C GLU A 523 43.29 -15.74 -21.20
N GLU B 16 36.39 -59.79 38.39
CA GLU B 16 37.24 -60.38 39.43
C GLU B 16 36.45 -60.58 40.72
N ASN B 17 36.28 -59.50 41.49
CA ASN B 17 35.55 -59.54 42.74
C ASN B 17 34.07 -59.31 42.47
N ALA B 18 33.23 -60.25 42.92
CA ALA B 18 31.79 -60.18 42.67
C ALA B 18 31.11 -59.12 43.53
N ASN B 19 31.50 -59.01 44.80
CA ASN B 19 30.89 -58.02 45.68
C ASN B 19 31.27 -56.60 45.28
N LYS B 20 32.46 -56.42 44.70
CA LYS B 20 32.82 -55.10 44.21
C LYS B 20 31.99 -54.71 42.99
N ILE B 21 31.66 -55.68 42.14
CA ILE B 21 30.86 -55.39 40.95
C ILE B 21 29.44 -55.00 41.33
N ILE B 22 28.84 -55.71 42.29
CA ILE B 22 27.47 -55.40 42.71
C ILE B 22 27.42 -54.04 43.38
N LEU B 23 28.40 -53.74 44.24
CA LEU B 23 28.41 -52.45 44.93
C LEU B 23 28.71 -51.29 43.98
N ASP B 24 29.51 -51.52 42.94
CA ASP B 24 29.76 -50.48 41.97
C ASP B 24 28.53 -50.20 41.12
N GLU B 25 27.77 -51.24 40.78
CA GLU B 25 26.55 -51.04 40.00
C GLU B 25 25.51 -50.26 40.79
N GLU B 26 25.28 -50.67 42.04
CA GLU B 26 24.25 -50.02 42.85
C GLU B 26 24.62 -48.58 43.17
N LYS B 27 25.91 -48.31 43.41
CA LYS B 27 26.33 -46.93 43.66
C LYS B 27 26.19 -46.09 42.39
N ALA B 28 26.47 -46.67 41.23
CA ALA B 28 26.33 -45.93 39.99
C ALA B 28 24.86 -45.64 39.68
N VAL B 29 23.98 -46.60 39.95
CA VAL B 29 22.54 -46.38 39.73
C VAL B 29 22.03 -45.30 40.66
N ILE B 30 22.42 -45.34 41.93
CA ILE B 30 21.98 -44.33 42.89
C ILE B 30 22.53 -42.96 42.50
N GLN B 31 23.80 -42.90 42.10
CA GLN B 31 24.40 -41.61 41.74
C GLN B 31 23.74 -41.01 40.51
N CYS B 32 23.47 -41.83 39.49
CA CYS B 32 22.89 -41.30 38.26
C CYS B 32 21.50 -40.73 38.50
N ASN B 33 20.68 -41.41 39.29
CA ASN B 33 19.34 -40.90 39.58
C ASN B 33 19.40 -39.60 40.38
N GLU B 34 20.27 -39.53 41.39
CA GLU B 34 20.33 -38.35 42.24
C GLU B 34 21.02 -37.19 41.56
N ARG B 35 22.03 -37.45 40.73
CA ARG B 35 22.68 -36.37 40.00
C ARG B 35 21.89 -35.90 38.78
N TYR B 36 20.88 -36.66 38.36
CA TYR B 36 20.06 -36.23 37.24
C TYR B 36 18.95 -35.28 37.68
N LYS B 37 18.41 -35.47 38.89
CA LYS B 37 17.41 -34.55 39.41
C LYS B 37 18.02 -33.17 39.64
N THR B 38 19.26 -33.12 40.10
CA THR B 38 19.88 -31.85 40.48
C THR B 38 20.21 -31.03 39.23
N GLU B 39 19.79 -29.76 39.25
CA GLU B 39 20.09 -28.83 38.16
C GLU B 39 21.43 -28.17 38.44
N ASN B 40 22.51 -28.80 37.95
CA ASN B 40 23.86 -28.30 38.16
C ASN B 40 24.28 -27.43 36.98
N ASP B 41 25.54 -26.97 37.03
CA ASP B 41 26.13 -26.18 35.97
C ASP B 41 27.06 -27.07 35.14
N GLU B 42 27.91 -26.44 34.32
CA GLU B 42 28.85 -27.20 33.50
C GLU B 42 29.85 -27.97 34.35
N LYS B 43 30.03 -27.62 35.62
CA LYS B 43 30.93 -28.36 36.49
C LYS B 43 30.34 -29.71 36.85
N GLY B 44 29.08 -29.73 37.27
CA GLY B 44 28.43 -30.97 37.67
C GLY B 44 27.81 -31.74 36.51
N ASP B 45 27.60 -31.07 35.39
CA ASP B 45 26.99 -31.74 34.24
C ASP B 45 27.94 -32.77 33.64
N GLU B 46 29.19 -32.38 33.38
CA GLU B 46 30.16 -33.32 32.84
C GLU B 46 30.58 -34.38 33.86
N GLU B 47 30.12 -34.28 35.10
CA GLU B 47 30.30 -35.35 36.08
C GLU B 47 29.07 -36.25 36.21
N THR B 48 27.88 -35.75 35.84
CA THR B 48 26.69 -36.58 35.86
C THR B 48 26.73 -37.63 34.74
N VAL B 49 27.23 -37.24 33.56
CA VAL B 49 27.32 -38.18 32.45
C VAL B 49 28.31 -39.30 32.76
N SER B 50 29.30 -39.03 33.63
CA SER B 50 30.25 -40.07 33.96
C SER B 50 29.62 -41.15 34.84
N TRP B 51 28.76 -40.75 35.77
CA TRP B 51 28.09 -41.72 36.64
C TRP B 51 26.97 -42.46 35.91
N CYS B 52 26.28 -41.79 34.98
CA CYS B 52 25.20 -42.45 34.26
C CYS B 52 25.73 -43.40 33.19
N ARG B 53 26.90 -43.12 32.61
CA ARG B 53 27.50 -44.07 31.69
C ARG B 53 27.87 -45.37 32.41
N LYS B 54 28.42 -45.25 33.62
CA LYS B 54 28.78 -46.44 34.38
C LYS B 54 27.55 -47.29 34.68
N ALA B 55 26.43 -46.65 35.03
CA ALA B 55 25.22 -47.39 35.36
C ALA B 55 24.51 -47.90 34.12
N ALA B 56 24.69 -47.22 32.98
CA ALA B 56 24.12 -47.71 31.73
C ALA B 56 24.91 -48.90 31.18
N LYS B 57 26.24 -48.86 31.30
CA LYS B 57 27.07 -49.98 30.87
C LYS B 57 26.77 -51.23 31.69
N SER B 58 26.33 -51.06 32.94
CA SER B 58 26.02 -52.21 33.79
C SER B 58 24.74 -52.91 33.41
N GLY B 59 23.85 -52.24 32.66
CA GLY B 59 22.62 -52.84 32.20
C GLY B 59 21.34 -52.30 32.83
N ASN B 60 21.41 -51.18 33.53
CA ASN B 60 20.24 -50.62 34.19
C ASN B 60 19.38 -49.90 33.16
N ALA B 61 18.13 -50.34 33.01
CA ALA B 61 17.26 -49.81 31.97
C ALA B 61 17.03 -48.31 32.14
N GLU B 62 16.71 -47.89 33.37
CA GLU B 62 16.46 -46.47 33.62
C GLU B 62 17.71 -45.64 33.37
N ALA B 63 18.87 -46.12 33.81
CA ALA B 63 20.11 -45.37 33.60
C ALA B 63 20.49 -45.29 32.14
N GLN B 64 20.16 -46.32 31.36
CA GLN B 64 20.39 -46.26 29.92
C GLN B 64 19.52 -45.18 29.29
N TYR B 65 18.27 -45.06 29.73
CA TYR B 65 17.40 -44.01 29.24
C TYR B 65 17.93 -42.63 29.65
N LEU B 66 18.35 -42.48 30.90
CA LEU B 66 18.84 -41.18 31.37
C LEU B 66 20.13 -40.79 30.66
N PHE B 67 21.06 -41.73 30.53
CA PHE B 67 22.31 -41.41 29.84
C PHE B 67 22.07 -41.09 28.37
N GLY B 68 21.10 -41.77 27.75
CA GLY B 68 20.74 -41.43 26.40
C GLY B 68 20.17 -40.03 26.28
N LEU B 70 20.96 -37.53 28.33
CA LEU B 70 22.08 -36.62 28.54
C LEU B 70 22.84 -36.37 27.25
N VAL B 71 23.08 -37.44 26.46
CA VAL B 71 23.78 -37.28 25.20
C VAL B 71 22.91 -36.56 24.18
N TYR B 72 21.60 -36.83 24.20
CA TYR B 72 20.69 -36.17 23.27
C TYR B 72 20.62 -34.66 23.53
N ASP B 73 20.50 -34.28 24.81
CA ASP B 73 20.46 -32.86 25.16
C ASP B 73 21.85 -32.22 25.13
N GLY B 74 22.91 -33.02 25.18
CA GLY B 74 24.25 -32.46 25.25
C GLY B 74 24.54 -31.72 26.52
N ARG B 75 24.13 -32.26 27.67
CA ARG B 75 24.35 -31.61 28.95
C ARG B 75 25.81 -31.69 29.36
N GLY B 76 26.29 -32.89 29.68
CA GLY B 76 27.66 -33.09 30.12
C GLY B 76 28.58 -33.77 29.13
N VAL B 77 28.15 -33.99 27.90
CA VAL B 77 28.94 -34.68 26.89
C VAL B 77 28.61 -34.07 25.53
N GLN B 78 29.36 -34.47 24.51
CA GLN B 78 29.10 -33.99 23.16
C GLN B 78 27.73 -34.45 22.68
N GLN B 79 26.93 -33.51 22.19
CA GLN B 79 25.59 -33.82 21.71
C GLN B 79 25.68 -34.71 20.47
N ASP B 80 24.97 -35.84 20.51
CA ASP B 80 24.95 -36.75 19.38
C ASP B 80 23.63 -37.52 19.40
N ASN B 81 22.94 -37.53 18.25
CA ASN B 81 21.66 -38.21 18.14
C ASN B 81 21.83 -39.73 18.09
N CYS B 82 22.90 -40.20 17.44
CA CYS B 82 23.05 -41.65 17.25
C CYS B 82 23.49 -42.35 18.54
N VAL B 83 24.38 -41.73 19.31
CA VAL B 83 24.78 -42.32 20.58
C VAL B 83 23.59 -42.36 21.55
N ALA B 84 22.72 -41.34 21.48
CA ALA B 84 21.52 -41.36 22.31
C ALA B 84 20.60 -42.52 21.94
N LEU B 86 21.40 -45.27 20.66
CA LEU B 86 22.08 -46.49 21.08
C LEU B 86 21.57 -46.96 22.43
N TRP B 87 21.68 -46.12 23.45
CA TRP B 87 21.29 -46.53 24.80
C TRP B 87 19.78 -46.60 24.97
N TRP B 88 19.02 -45.86 24.15
CA TRP B 88 17.58 -46.00 24.19
C TRP B 88 17.14 -47.35 23.62
N ALA B 91 17.72 -49.86 26.38
CA ALA B 91 16.66 -49.66 27.35
C ALA B 91 15.34 -50.21 26.79
N ALA B 92 15.13 -50.01 25.48
CA ALA B 92 13.91 -50.49 24.85
C ALA B 92 13.85 -52.02 24.84
N GLU B 93 15.00 -52.68 24.68
CA GLU B 93 15.02 -54.14 24.73
C GLU B 93 14.54 -54.66 26.09
N GLN B 94 14.69 -53.85 27.13
CA GLN B 94 14.13 -54.14 28.44
C GLN B 94 12.73 -53.58 28.62
N ASN B 95 12.09 -53.15 27.53
CA ASN B 95 10.72 -52.62 27.55
C ASN B 95 10.61 -51.38 28.43
N HIS B 96 11.63 -50.53 28.39
CA HIS B 96 11.57 -49.25 29.08
C HIS B 96 10.62 -48.32 28.33
N ALA B 97 9.64 -47.77 29.06
CA ALA B 97 8.55 -47.04 28.41
C ALA B 97 9.06 -45.78 27.72
N LYS B 98 9.70 -44.88 28.48
CA LYS B 98 10.13 -43.61 27.92
C LYS B 98 11.14 -43.80 26.79
N ALA B 99 12.03 -44.79 26.92
CA ALA B 99 13.01 -45.05 25.86
C ALA B 99 12.32 -45.42 24.56
N LEU B 100 11.24 -46.19 24.63
CA LEU B 100 10.47 -46.52 23.43
C LEU B 100 9.87 -45.26 22.81
N VAL B 101 9.37 -44.34 23.63
CA VAL B 101 8.83 -43.09 23.11
C VAL B 101 9.91 -42.30 22.40
N LEU B 103 12.67 -43.50 20.97
CA LEU B 103 12.96 -44.16 19.70
C LEU B 103 11.92 -43.81 18.65
N GLY B 104 10.65 -43.67 19.07
CA GLY B 104 9.62 -43.26 18.13
C GLY B 104 9.81 -41.84 17.65
N ASN B 105 10.24 -40.94 18.54
CA ASN B 105 10.44 -39.55 18.15
C ASN B 105 11.57 -39.42 17.15
N LEU B 106 12.66 -40.19 17.34
CA LEU B 106 13.79 -40.11 16.41
C LEU B 106 13.38 -40.50 15.00
N HIS B 107 12.55 -41.55 14.87
CA HIS B 107 12.06 -41.91 13.55
C HIS B 107 11.05 -40.90 13.02
N ARG B 108 10.27 -40.30 13.91
CA ARG B 108 9.33 -39.26 13.50
C ARG B 108 10.05 -38.03 12.96
N LYS B 109 11.14 -37.64 13.59
CA LYS B 109 11.88 -36.44 13.22
C LYS B 109 13.00 -36.69 12.22
N GLY B 110 13.35 -37.95 11.97
CA GLY B 110 14.44 -38.25 11.05
C GLY B 110 15.83 -37.99 11.61
N GLN B 111 16.05 -38.32 12.87
CA GLN B 111 17.33 -38.10 13.52
C GLN B 111 18.10 -39.41 13.63
N CYS B 112 19.42 -39.32 13.39
CA CYS B 112 20.32 -40.47 13.27
C CYS B 112 19.95 -41.36 12.09
N ILE B 113 18.74 -41.92 12.10
CA ILE B 113 18.27 -42.76 11.01
C ILE B 113 17.29 -41.98 10.15
N ALA B 114 16.85 -42.58 9.05
CA ALA B 114 15.96 -41.89 8.12
C ALA B 114 14.57 -41.69 8.73
N GLU B 115 13.87 -40.68 8.24
CA GLU B 115 12.50 -40.42 8.68
C GLU B 115 11.60 -41.60 8.32
N ASN B 116 10.82 -42.05 9.30
CA ASN B 116 10.00 -43.26 9.13
C ASN B 116 8.80 -43.14 10.07
N TYR B 117 7.70 -42.60 9.55
CA TYR B 117 6.48 -42.48 10.34
C TYR B 117 5.94 -43.81 10.82
N PRO B 118 5.87 -44.88 10.00
CA PRO B 118 5.35 -46.16 10.53
C PRO B 118 6.12 -46.68 11.73
N LYS B 119 7.46 -46.69 11.67
CA LYS B 119 8.24 -47.14 12.82
C LYS B 119 8.02 -46.24 14.02
N ALA B 120 7.82 -44.93 13.79
CA ALA B 120 7.50 -44.04 14.91
C ALA B 120 6.20 -44.46 15.58
N ILE B 121 5.17 -44.78 14.79
CA ILE B 121 3.90 -45.21 15.37
C ILE B 121 4.07 -46.53 16.11
N ALA B 122 4.85 -47.46 15.52
CA ALA B 122 5.04 -48.77 16.15
C ALA B 122 5.75 -48.64 17.49
N TYR B 123 6.74 -47.75 17.59
CA TYR B 123 7.42 -47.54 18.86
C TYR B 123 6.49 -46.95 19.90
N TRP B 124 5.70 -45.94 19.51
CA TRP B 124 4.77 -45.32 20.45
C TRP B 124 3.72 -46.31 20.94
N LYS B 125 3.26 -47.20 20.07
CA LYS B 125 2.23 -48.17 20.45
C LYS B 125 2.79 -49.19 21.45
N ARG B 126 4.05 -49.59 21.28
CA ARG B 126 4.67 -50.48 22.26
C ARG B 126 4.78 -49.81 23.62
N ALA B 127 5.13 -48.52 23.65
CA ALA B 127 5.18 -47.79 24.90
C ALA B 127 3.79 -47.50 25.45
N ALA B 128 2.77 -47.47 24.60
CA ALA B 128 1.40 -47.24 25.07
C ALA B 128 0.85 -48.46 25.80
N VAL B 129 1.32 -49.66 25.44
CA VAL B 129 0.90 -50.87 26.13
C VAL B 129 1.20 -50.78 27.62
N GLN B 130 2.29 -50.10 27.97
CA GLN B 130 2.69 -49.94 29.37
C GLN B 130 2.18 -48.64 29.99
N ASN B 131 1.13 -48.05 29.41
CA ASN B 131 0.42 -46.92 30.00
C ASN B 131 1.33 -45.70 30.19
N ASN B 132 2.08 -45.37 29.15
CA ASN B 132 2.95 -44.20 29.17
C ASN B 132 2.21 -43.00 28.60
N VAL B 133 2.27 -41.87 29.31
CA VAL B 133 1.49 -40.70 28.90
C VAL B 133 2.05 -40.10 27.61
N TRP B 134 3.38 -40.12 27.44
CA TRP B 134 3.96 -39.57 26.23
C TRP B 134 3.54 -40.36 25.01
N ALA B 135 3.51 -41.69 25.12
CA ALA B 135 3.04 -42.51 24.00
C ALA B 135 1.58 -42.20 23.70
N TYR B 136 0.75 -42.13 24.75
CA TYR B 136 -0.66 -41.77 24.55
C TYR B 136 -0.79 -40.44 23.83
N HIS B 137 -0.11 -39.41 24.33
CA HIS B 137 -0.25 -38.07 23.77
C HIS B 137 0.23 -38.01 22.33
N ASN B 138 1.42 -38.58 22.07
CA ASN B 138 1.97 -38.53 20.72
C ASN B 138 1.10 -39.30 19.73
N LEU B 139 0.48 -40.40 20.17
CA LEU B 139 -0.45 -41.12 19.30
C LEU B 139 -1.71 -40.27 19.04
N GLY B 140 -2.15 -39.51 20.04
CA GLY B 140 -3.26 -38.60 19.81
C GLY B 140 -2.91 -37.53 18.79
N THR B 141 -1.74 -36.90 18.96
CA THR B 141 -1.28 -35.91 17.99
C THR B 141 -1.10 -36.53 16.61
N ALA B 142 -0.68 -37.80 16.56
CA ALA B 142 -0.48 -38.46 15.27
C ALA B 142 -1.80 -38.61 14.52
N TYR B 143 -2.88 -38.95 15.23
CA TYR B 143 -4.18 -39.10 14.58
C TYR B 143 -4.85 -37.77 14.29
N TYR B 144 -4.43 -36.69 14.96
CA TYR B 144 -5.02 -35.39 14.71
C TYR B 144 -4.32 -34.65 13.57
N ASP B 145 -3.05 -34.95 13.31
CA ASP B 145 -2.30 -34.30 12.24
C ASP B 145 -2.18 -35.17 10.99
N GLY B 146 -2.52 -36.45 11.07
CA GLY B 146 -2.31 -37.34 9.95
C GLY B 146 -0.87 -37.73 9.76
N ILE B 147 -0.16 -38.00 10.86
CA ILE B 147 1.26 -38.35 10.83
C ILE B 147 1.35 -39.87 10.85
N GLY B 148 1.61 -40.46 9.69
CA GLY B 148 1.71 -41.91 9.57
C GLY B 148 0.41 -42.66 9.64
N VAL B 149 -0.71 -41.98 9.94
CA VAL B 149 -2.03 -42.60 9.97
C VAL B 149 -3.01 -41.63 9.32
N ASP B 150 -4.17 -42.17 8.94
CA ASP B 150 -5.25 -41.35 8.40
C ASP B 150 -5.76 -40.41 9.48
N ASN B 152 -7.94 -38.56 12.00
CA ASN B 152 -9.14 -38.94 12.73
C ASN B 152 -9.20 -38.26 14.09
N PRO B 153 -9.94 -37.14 14.16
CA PRO B 153 -10.06 -36.44 15.46
C PRO B 153 -10.66 -37.29 16.56
N HIS B 154 -11.61 -38.18 16.23
CA HIS B 154 -12.20 -39.03 17.26
C HIS B 154 -11.17 -39.99 17.83
N GLU B 155 -10.31 -40.56 16.99
CA GLU B 155 -9.24 -41.42 17.48
C GLU B 155 -8.22 -40.61 18.26
N ALA B 156 -8.00 -39.35 17.89
CA ALA B 156 -7.11 -38.49 18.65
C ALA B 156 -7.64 -38.26 20.06
N VAL B 157 -8.96 -38.10 20.19
CA VAL B 157 -9.55 -37.90 21.51
C VAL B 157 -9.36 -39.13 22.38
N ARG B 158 -9.43 -40.32 21.77
CA ARG B 158 -9.22 -41.55 22.54
C ARG B 158 -7.84 -41.57 23.20
N TRP B 159 -6.79 -41.29 22.42
CA TRP B 159 -5.45 -41.34 22.98
C TRP B 159 -5.19 -40.19 23.94
N TRP B 160 -5.66 -38.99 23.59
CA TRP B 160 -5.43 -37.83 24.43
C TRP B 160 -6.12 -37.96 25.78
N LYS B 162 -6.63 -40.86 27.41
CA LYS B 162 -5.83 -41.81 28.18
C LYS B 162 -4.66 -41.12 28.87
N ALA B 163 -4.02 -40.18 28.17
CA ALA B 163 -2.97 -39.39 28.81
C ALA B 163 -3.54 -38.34 29.75
N ALA B 164 -4.75 -37.84 29.46
CA ALA B 164 -5.38 -36.86 30.32
C ALA B 164 -5.90 -37.49 31.61
N GLU B 165 -6.39 -38.72 31.55
CA GLU B 165 -6.80 -39.42 32.77
C GLU B 165 -5.61 -39.66 33.71
N LEU B 166 -4.40 -39.70 33.17
CA LEU B 166 -3.21 -39.89 33.99
C LEU B 166 -2.55 -38.57 34.39
N GLY B 167 -3.10 -37.43 33.97
CA GLY B 167 -2.65 -36.14 34.43
C GLY B 167 -1.75 -35.36 33.49
N PHE B 168 -1.55 -35.82 32.26
CA PHE B 168 -0.66 -35.13 31.33
C PHE B 168 -1.27 -33.79 30.93
N PRO B 169 -0.64 -32.66 31.27
CA PRO B 169 -1.28 -31.36 31.01
C PRO B 169 -1.52 -31.07 29.54
N GLU B 170 -0.55 -31.36 28.68
CA GLU B 170 -0.68 -30.99 27.27
C GLU B 170 -1.83 -31.74 26.60
N SER B 171 -2.10 -32.98 27.04
CA SER B 171 -3.27 -33.69 26.54
C SER B 171 -4.56 -33.08 27.05
N GLN B 172 -4.55 -32.60 28.30
CA GLN B 172 -5.73 -31.94 28.85
C GLN B 172 -6.03 -30.65 28.11
N ASN B 173 -5.00 -29.92 27.69
CA ASN B 173 -5.21 -28.69 26.94
C ASN B 173 -5.77 -28.97 25.55
N ASN B 174 -5.25 -30.00 24.86
CA ASN B 174 -5.72 -30.32 23.53
C ASN B 174 -7.19 -30.72 23.54
N LEU B 175 -7.60 -31.52 24.54
CA LEU B 175 -9.01 -31.86 24.67
C LEU B 175 -9.84 -30.63 25.00
N GLY B 176 -9.35 -29.80 25.92
CA GLY B 176 -10.07 -28.58 26.25
C GLY B 176 -10.27 -27.67 25.05
N ALA B 177 -9.23 -27.54 24.22
CA ALA B 177 -9.34 -26.70 23.03
C ALA B 177 -10.29 -27.32 22.00
N LEU B 178 -10.24 -28.64 21.84
N LEU B 178 -10.28 -28.64 21.89
CA LEU B 178 -11.12 -29.29 20.87
CA LEU B 178 -11.10 -29.31 20.89
C LEU B 178 -12.58 -29.07 21.25
C LEU B 178 -12.58 -29.21 21.24
N TYR B 179 -12.94 -29.34 22.51
CA TYR B 179 -14.31 -29.17 22.94
C TYR B 179 -14.73 -27.71 23.03
N ASN B 180 -13.76 -26.79 23.12
CA ASN B 180 -14.08 -25.37 23.14
C ASN B 180 -14.39 -24.85 21.74
N ASP B 181 -13.69 -25.37 20.73
CA ASP B 181 -13.84 -24.92 19.35
C ASP B 181 -14.78 -25.79 18.53
N GLY B 182 -15.16 -26.97 19.03
CA GLY B 182 -15.98 -27.87 18.25
C GLY B 182 -15.31 -28.38 16.99
N ASN B 183 -13.99 -28.57 17.03
CA ASN B 183 -13.21 -28.99 15.87
C ASN B 183 -13.04 -30.51 15.94
N GLY B 184 -13.94 -31.23 15.27
CA GLY B 184 -13.90 -32.67 15.23
C GLY B 184 -14.87 -33.35 16.17
N VAL B 185 -15.36 -32.64 17.18
CA VAL B 185 -16.41 -33.13 18.07
C VAL B 185 -17.42 -32.01 18.29
N ASP B 186 -18.52 -32.34 18.95
CA ASP B 186 -19.51 -31.33 19.28
C ASP B 186 -18.94 -30.34 20.29
N ARG B 187 -19.12 -29.05 20.02
CA ARG B 187 -18.67 -28.03 20.96
C ARG B 187 -19.39 -28.18 22.28
N ASP B 188 -18.62 -28.20 23.36
CA ASP B 188 -19.19 -28.36 24.70
C ASP B 188 -18.31 -27.56 25.65
N TYR B 189 -18.81 -26.41 26.09
CA TYR B 189 -18.02 -25.55 26.97
C TYR B 189 -17.81 -26.18 28.33
N GLN B 190 -18.75 -26.99 28.81
CA GLN B 190 -18.58 -27.68 30.08
C GLN B 190 -17.44 -28.69 29.99
N GLU B 191 -17.43 -29.51 28.94
CA GLU B 191 -16.37 -30.49 28.77
C GLU B 191 -15.00 -29.81 28.66
N ALA B 192 -14.95 -28.66 27.98
CA ALA B 192 -13.70 -27.92 27.87
C ALA B 192 -13.21 -27.46 29.24
N VAL B 193 -14.10 -26.85 30.03
CA VAL B 193 -13.74 -26.42 31.37
C VAL B 193 -13.29 -27.59 32.23
N PHE B 194 -13.91 -28.76 32.03
CA PHE B 194 -13.55 -29.94 32.81
C PHE B 194 -12.08 -30.29 32.62
N TRP B 195 -11.62 -30.30 31.37
CA TRP B 195 -10.22 -30.65 31.11
C TRP B 195 -9.29 -29.48 31.42
N TYR B 196 -9.71 -28.25 31.11
CA TYR B 196 -8.87 -27.08 31.37
C TYR B 196 -8.63 -26.89 32.85
N ARG B 197 -9.61 -27.22 33.70
CA ARG B 197 -9.40 -27.09 35.13
C ARG B 197 -8.33 -28.06 35.63
N LYS B 198 -8.34 -29.29 35.12
CA LYS B 198 -7.29 -30.25 35.47
C LYS B 198 -5.92 -29.72 35.08
N SER B 199 -5.83 -29.03 33.95
CA SER B 199 -4.56 -28.45 33.52
C SER B 199 -4.18 -27.25 34.37
N ALA B 200 -5.15 -26.38 34.66
CA ALA B 200 -4.86 -25.17 35.43
C ALA B 200 -4.43 -25.48 36.85
N LEU B 201 -4.99 -26.52 37.46
CA LEU B 201 -4.63 -26.89 38.83
C LEU B 201 -3.20 -27.42 38.93
N GLN B 202 -2.64 -27.92 37.83
CA GLN B 202 -1.25 -28.35 37.82
C GLN B 202 -0.28 -27.20 37.56
N GLY B 203 -0.78 -26.00 37.29
CA GLY B 203 0.06 -24.86 37.03
C GLY B 203 0.40 -24.59 35.59
N ASP B 204 -0.24 -25.29 34.65
CA ASP B 204 0.02 -25.08 33.24
C ASP B 204 -0.52 -23.72 32.80
N GLU B 205 0.34 -22.92 32.16
CA GLU B 205 -0.03 -21.55 31.82
C GLU B 205 -1.19 -21.52 30.81
N LEU B 206 -1.22 -22.48 29.89
CA LEU B 206 -2.29 -22.50 28.90
C LEU B 206 -3.60 -22.93 29.51
N GLY B 207 -3.57 -23.91 30.42
CA GLY B 207 -4.79 -24.30 31.11
C GLY B 207 -5.31 -23.22 32.04
N GLN B 208 -4.39 -22.49 32.69
CA GLN B 208 -4.82 -21.40 33.56
C GLN B 208 -5.46 -20.27 32.76
N TYR B 209 -4.93 -19.98 31.57
CA TYR B 209 -5.52 -18.93 30.75
C TYR B 209 -6.95 -19.29 30.35
N ASN B 210 -7.14 -20.49 29.80
CA ASN B 210 -8.46 -20.84 29.27
C ASN B 210 -9.49 -21.03 30.38
N LEU B 211 -9.06 -21.44 31.57
CA LEU B 211 -10.00 -21.49 32.69
C LEU B 211 -10.47 -20.10 33.07
N GLY B 212 -9.57 -19.11 33.01
CA GLY B 212 -9.98 -17.73 33.25
C GLY B 212 -10.90 -17.20 32.18
N VAL B 213 -10.70 -17.63 30.92
CA VAL B 213 -11.59 -17.22 29.85
C VAL B 213 -13.00 -17.72 30.12
N ALA B 214 -13.12 -18.96 30.59
CA ALA B 214 -14.43 -19.51 30.91
C ALA B 214 -15.12 -18.71 32.01
N TYR B 215 -14.36 -18.35 33.06
CA TYR B 215 -14.94 -17.54 34.13
C TYR B 215 -15.32 -16.14 33.65
N TYR B 216 -14.58 -15.61 32.67
CA TYR B 216 -14.85 -14.25 32.23
C TYR B 216 -16.12 -14.16 31.39
N TYR B 217 -16.39 -15.19 30.60
CA TYR B 217 -17.54 -15.18 29.68
C TYR B 217 -18.68 -16.08 30.14
N GLY B 218 -18.50 -16.88 31.18
CA GLY B 218 -19.55 -17.79 31.58
C GLY B 218 -19.74 -18.95 30.64
N ARG B 219 -18.68 -19.44 30.01
CA ARG B 219 -18.75 -20.58 29.10
C ARG B 219 -18.44 -21.85 29.89
N GLY B 220 -19.43 -22.73 30.00
CA GLY B 220 -19.27 -23.97 30.74
C GLY B 220 -19.14 -23.80 32.24
N ILE B 221 -19.23 -22.58 32.76
CA ILE B 221 -19.07 -22.33 34.18
C ILE B 221 -19.78 -21.02 34.49
N LYS B 222 -20.19 -20.84 35.74
CA LYS B 222 -20.82 -19.60 36.15
C LYS B 222 -19.82 -18.45 36.04
N LYS B 223 -20.26 -17.36 35.41
CA LYS B 223 -19.38 -16.20 35.24
C LYS B 223 -18.95 -15.65 36.59
N ASP B 224 -17.65 -15.40 36.72
CA ASP B 224 -17.10 -14.90 37.98
C ASP B 224 -15.80 -14.15 37.64
N PHE B 225 -15.88 -12.82 37.65
CA PHE B 225 -14.72 -12.02 37.25
C PHE B 225 -13.55 -12.20 38.21
N SER B 226 -13.83 -12.41 39.50
CA SER B 226 -12.75 -12.53 40.47
C SER B 226 -11.94 -13.80 40.27
N GLU B 227 -12.60 -14.89 39.83
CA GLU B 227 -11.85 -16.10 39.52
C GLU B 227 -11.11 -15.95 38.19
N ALA B 228 -11.72 -15.26 37.22
CA ALA B 228 -11.06 -15.00 35.95
C ALA B 228 -9.77 -14.23 36.16
N VAL B 229 -9.81 -13.19 36.99
CA VAL B 229 -8.61 -12.43 37.32
C VAL B 229 -7.59 -13.32 38.02
N SER B 230 -8.06 -14.18 38.92
CA SER B 230 -7.17 -15.06 39.66
C SER B 230 -6.35 -15.94 38.71
N TRP B 231 -7.02 -16.54 37.72
CA TRP B 231 -6.33 -17.43 36.80
C TRP B 231 -5.58 -16.67 35.71
N TYR B 232 -6.12 -15.54 35.25
CA TYR B 232 -5.38 -14.71 34.31
C TYR B 232 -4.03 -14.30 34.88
N LYS B 233 -3.99 -14.00 36.18
CA LYS B 233 -2.79 -13.51 36.83
C LYS B 233 -1.74 -14.61 36.95
N SER B 235 -1.43 -17.16 34.95
CA SER B 235 -0.94 -17.48 33.62
C SER B 235 -0.06 -16.34 33.09
N ALA B 236 -0.40 -15.11 33.46
CA ALA B 236 0.38 -13.96 33.02
C ALA B 236 1.73 -13.90 33.72
N GLU B 237 1.80 -14.34 34.98
CA GLU B 237 3.06 -14.35 35.69
C GLU B 237 4.04 -15.37 35.12
N GLN B 238 3.55 -16.32 34.33
CA GLN B 238 4.40 -17.24 33.58
C GLN B 238 4.69 -16.73 32.17
N ASP B 239 4.39 -15.47 31.88
CA ASP B 239 4.73 -14.78 30.65
C ASP B 239 3.91 -15.25 29.45
N TYR B 240 2.75 -15.86 29.67
CA TYR B 240 1.87 -16.21 28.57
C TYR B 240 1.21 -14.95 28.04
N ALA B 241 1.45 -14.64 26.75
CA ALA B 241 1.12 -13.32 26.22
C ALA B 241 -0.38 -13.05 26.24
N GLN B 242 -1.19 -14.04 25.85
CA GLN B 242 -2.62 -13.81 25.75
C GLN B 242 -3.25 -13.62 27.13
N ALA B 243 -2.69 -14.25 28.17
CA ALA B 243 -3.18 -13.98 29.51
C ALA B 243 -2.77 -12.60 29.98
N GLN B 244 -1.60 -12.12 29.55
CA GLN B 244 -1.19 -10.76 29.89
C GLN B 244 -2.16 -9.73 29.32
N HIS B 245 -2.73 -10.01 28.15
CA HIS B 245 -3.68 -9.08 27.56
C HIS B 245 -5.00 -9.06 28.32
N ASN B 246 -5.59 -10.23 28.53
CA ASN B 246 -6.89 -10.29 29.19
C ASN B 246 -6.81 -9.79 30.63
N LEU B 247 -5.71 -10.07 31.31
CA LEU B 247 -5.52 -9.51 32.65
C LEU B 247 -5.49 -7.99 32.60
N GLY B 248 -4.86 -7.43 31.56
CA GLY B 248 -4.88 -5.99 31.40
C GLY B 248 -6.28 -5.44 31.19
N VAL B 249 -7.11 -6.16 30.44
CA VAL B 249 -8.49 -5.74 30.23
C VAL B 249 -9.23 -5.65 31.56
N THR B 250 -9.05 -6.65 32.43
CA THR B 250 -9.76 -6.64 33.71
C THR B 250 -9.32 -5.45 34.57
N TYR B 251 -8.04 -5.08 34.52
CA TYR B 251 -7.59 -3.88 35.20
C TYR B 251 -8.19 -2.63 34.55
N TYR B 252 -8.29 -2.64 33.22
CA TYR B 252 -8.78 -1.48 32.50
C TYR B 252 -10.28 -1.27 32.74
N GLU B 253 -11.04 -2.35 32.89
CA GLU B 253 -12.48 -2.28 33.05
C GLU B 253 -12.93 -2.40 34.50
N GLY B 254 -12.02 -2.72 35.42
CA GLY B 254 -12.44 -2.95 36.80
C GLY B 254 -13.33 -4.15 36.97
N GLU B 255 -13.15 -5.18 36.14
CA GLU B 255 -13.96 -6.40 36.21
C GLU B 255 -13.21 -7.42 37.06
N GLY B 256 -13.70 -7.65 38.29
CA GLY B 256 -13.08 -8.58 39.20
C GLY B 256 -11.88 -8.04 39.94
N ILE B 257 -11.56 -6.76 39.79
CA ILE B 257 -10.44 -6.14 40.48
C ILE B 257 -10.58 -4.64 40.33
N LYS B 258 -9.94 -3.88 41.23
CA LYS B 258 -10.05 -2.43 41.20
C LYS B 258 -9.47 -1.88 39.89
N LYS B 259 -10.22 -0.97 39.27
CA LYS B 259 -9.78 -0.36 38.02
C LYS B 259 -8.46 0.36 38.20
N ASP B 260 -7.46 -0.02 37.39
CA ASP B 260 -6.12 0.54 37.46
C ASP B 260 -5.59 0.65 36.03
N TYR B 261 -5.65 1.86 35.47
CA TYR B 261 -5.20 2.06 34.10
C TYR B 261 -3.71 1.79 33.94
N ALA B 262 -2.92 2.19 34.93
CA ALA B 262 -1.46 2.02 34.87
C ALA B 262 -1.08 0.54 34.91
N ALA B 264 -3.05 -1.82 33.79
CA ALA B 264 -3.51 -2.32 32.50
C ALA B 264 -2.45 -2.08 31.43
N VAL B 265 -1.94 -0.85 31.39
CA VAL B 265 -0.87 -0.51 30.44
C VAL B 265 0.37 -1.35 30.73
N TYR B 266 0.64 -1.62 32.01
CA TYR B 266 1.78 -2.44 32.40
C TYR B 266 1.74 -3.80 31.71
N TRP B 267 0.60 -4.50 31.81
CA TRP B 267 0.48 -5.81 31.19
C TRP B 267 0.33 -5.73 29.68
N TRP B 268 -0.24 -4.64 29.16
CA TRP B 268 -0.37 -4.52 27.71
C TRP B 268 0.97 -4.28 27.05
N LYS B 269 1.91 -3.62 27.74
CA LYS B 269 3.27 -3.50 27.21
C LYS B 269 3.91 -4.87 27.04
N LYS B 270 3.79 -5.73 28.06
CA LYS B 270 4.37 -7.07 27.96
C LYS B 270 3.69 -7.88 26.87
N ALA B 271 2.36 -7.77 26.75
CA ALA B 271 1.66 -8.51 25.72
C ALA B 271 1.91 -7.94 24.34
N ALA B 272 2.07 -6.61 24.22
CA ALA B 272 2.34 -6.01 22.93
C ALA B 272 3.72 -6.40 22.41
N GLU B 273 4.72 -6.45 23.30
CA GLU B 273 6.05 -6.87 22.89
C GLU B 273 6.09 -8.32 22.41
N GLN B 274 5.13 -9.13 22.83
CA GLN B 274 5.02 -10.50 22.33
C GLN B 274 4.17 -10.61 21.07
N GLY B 275 3.47 -9.55 20.70
CA GLY B 275 2.79 -9.48 19.42
C GLY B 275 1.28 -9.66 19.42
N ILE B 276 0.61 -9.53 20.57
CA ILE B 276 -0.84 -9.61 20.60
C ILE B 276 -1.42 -8.35 19.95
N PRO B 277 -2.16 -8.49 18.85
CA PRO B 277 -2.63 -7.27 18.15
C PRO B 277 -3.52 -6.37 19.00
N GLN B 278 -4.43 -6.96 19.79
CA GLN B 278 -5.33 -6.13 20.58
C GLN B 278 -4.58 -5.38 21.68
N SER B 279 -3.55 -6.02 22.25
CA SER B 279 -2.73 -5.33 23.25
C SER B 279 -2.00 -4.16 22.63
N GLN B 280 -1.43 -4.34 21.43
CA GLN B 280 -0.77 -3.24 20.74
C GLN B 280 -1.74 -2.12 20.45
N TYR B 281 -2.98 -2.46 20.06
CA TYR B 281 -3.97 -1.43 19.77
C TYR B 281 -4.35 -0.66 21.02
N ASN B 282 -4.71 -1.37 22.11
CA ASN B 282 -5.07 -0.72 23.35
C ASN B 282 -3.93 0.12 23.90
N LEU B 283 -2.70 -0.35 23.76
CA LEU B 283 -1.53 0.41 24.21
C LEU B 283 -1.40 1.70 23.41
N GLY B 284 -1.71 1.65 22.11
CA GLY B 284 -1.67 2.86 21.31
C GLY B 284 -2.71 3.88 21.74
N ILE B 285 -3.92 3.42 22.04
CA ILE B 285 -4.95 4.32 22.55
C ILE B 285 -4.49 4.97 23.85
N ALA B 286 -3.82 4.20 24.71
CA ALA B 286 -3.33 4.75 25.98
C ALA B 286 -2.34 5.88 25.74
N TYR B 287 -1.44 5.73 24.76
CA TYR B 287 -0.45 6.77 24.50
C TYR B 287 -1.06 7.99 23.84
N GLU B 288 -2.16 7.82 23.09
CA GLU B 288 -2.78 8.96 22.44
C GLU B 288 -3.67 9.73 23.41
N GLU B 289 -4.54 9.01 24.13
CA GLU B 289 -5.50 9.68 25.00
C GLU B 289 -4.93 9.98 26.38
N GLY B 290 -3.97 9.18 26.85
CA GLY B 290 -3.37 9.42 28.15
C GLY B 290 -3.98 8.66 29.30
N TRP B 291 -4.59 7.49 29.03
N TRP B 291 -4.57 7.49 29.03
CA TRP B 291 -5.20 6.67 30.07
CA TRP B 291 -5.19 6.67 30.07
C TRP B 291 -4.20 5.58 30.46
C TRP B 291 -4.20 5.58 30.46
N GLY B 292 -3.55 5.76 31.61
CA GLY B 292 -2.58 4.81 32.09
C GLY B 292 -1.14 5.11 31.69
N ALA B 293 -0.91 6.20 30.97
CA ALA B 293 0.43 6.56 30.54
C ALA B 293 0.43 8.03 30.14
N GLU B 294 1.62 8.61 30.09
CA GLU B 294 1.75 9.97 29.59
C GLU B 294 1.49 10.02 28.10
N LYS B 295 0.87 11.11 27.64
CA LYS B 295 0.54 11.25 26.23
C LYS B 295 1.80 11.27 25.38
N ASN B 296 1.76 10.51 24.28
CA ASN B 296 2.87 10.47 23.33
C ASN B 296 2.27 10.17 21.96
N PRO B 297 2.13 11.18 21.11
CA PRO B 297 1.49 10.95 19.80
C PRO B 297 2.27 9.99 18.92
N GLU B 298 3.59 10.14 18.83
CA GLU B 298 4.38 9.29 17.94
C GLU B 298 4.42 7.86 18.43
N ASN B 299 4.35 7.64 19.75
CA ASN B 299 4.36 6.28 20.28
C ASN B 299 3.04 5.58 20.03
N ALA B 300 1.94 6.32 19.99
CA ALA B 300 0.63 5.73 19.68
C ALA B 300 0.60 5.20 18.26
N VAL B 301 1.06 6.01 17.29
CA VAL B 301 1.10 5.59 15.90
C VAL B 301 1.99 4.36 15.72
N PHE B 302 3.07 4.27 16.50
CA PHE B 302 3.94 3.10 16.42
C PHE B 302 3.17 1.82 16.70
N TRP B 303 2.40 1.79 17.79
CA TRP B 303 1.66 0.59 18.15
C TRP B 303 0.42 0.41 17.30
N TYR B 304 -0.17 1.50 16.80
CA TYR B 304 -1.26 1.36 15.83
C TYR B 304 -0.81 0.62 14.60
N ARG B 305 0.36 0.99 14.06
CA ARG B 305 0.90 0.36 12.87
C ARG B 305 1.24 -1.10 13.12
N ALA B 307 -0.24 -3.20 15.13
CA ALA B 307 -1.46 -3.99 15.10
C ALA B 307 -2.09 -3.97 13.72
N ALA B 308 -1.98 -2.82 13.03
CA ALA B 308 -2.54 -2.69 11.69
C ALA B 308 -1.87 -3.67 10.72
N GLU B 309 -0.55 -3.85 10.85
CA GLU B 309 0.16 -4.77 9.96
C GLU B 309 -0.31 -6.21 10.15
N GLN B 310 -0.82 -6.55 11.33
CA GLN B 310 -1.34 -7.89 11.60
C GLN B 310 -2.80 -8.04 11.20
N GLY B 311 -3.38 -7.04 10.56
CA GLY B 311 -4.76 -7.13 10.09
C GLY B 311 -5.81 -6.64 11.04
N HIS B 312 -5.44 -5.93 12.10
CA HIS B 312 -6.40 -5.42 13.07
C HIS B 312 -7.20 -4.28 12.46
N ALA B 313 -8.53 -4.47 12.36
CA ALA B 313 -9.35 -3.53 11.61
C ALA B 313 -9.38 -2.15 12.28
N ASP B 314 -9.63 -2.10 13.58
CA ASP B 314 -9.70 -0.81 14.28
C ASP B 314 -8.35 -0.10 14.27
N ALA B 315 -7.25 -0.86 14.35
CA ALA B 315 -5.93 -0.23 14.27
C ALA B 315 -5.67 0.33 12.88
N GLN B 316 -6.08 -0.39 11.83
CA GLN B 316 -5.96 0.14 10.48
C GLN B 316 -6.75 1.42 10.32
N ASN B 317 -7.97 1.46 10.88
CA ASN B 317 -8.78 2.68 10.81
C ASN B 317 -8.15 3.80 11.63
N ARG B 318 -7.62 3.49 12.81
CA ARG B 318 -6.96 4.50 13.62
C ARG B 318 -5.73 5.05 12.91
N LEU B 319 -4.90 4.17 12.34
CA LEU B 319 -3.73 4.63 11.61
C LEU B 319 -4.13 5.43 10.38
N GLY B 320 -5.28 5.11 9.78
CA GLY B 320 -5.74 5.88 8.63
C GLY B 320 -6.14 7.29 9.00
N ILE B 321 -6.88 7.45 10.11
CA ILE B 321 -7.25 8.78 10.59
C ILE B 321 -6.00 9.58 10.94
N ALA B 322 -5.04 8.94 11.60
CA ALA B 322 -3.81 9.63 11.97
C ALA B 322 -3.06 10.14 10.74
N TYR B 323 -3.07 9.35 9.66
CA TYR B 323 -2.45 9.80 8.41
C TYR B 323 -3.23 10.92 7.75
N ARG B 324 -4.52 11.04 8.03
CA ARG B 324 -5.31 12.13 7.44
C ARG B 324 -4.97 13.46 8.10
N TYR B 325 -5.04 13.52 9.43
CA TYR B 325 -4.80 14.76 10.15
C TYR B 325 -3.35 14.93 10.60
N GLY B 326 -2.47 13.99 10.24
CA GLY B 326 -1.09 14.08 10.68
C GLY B 326 -0.91 13.94 12.18
N THR B 327 -1.80 13.21 12.84
CA THR B 327 -1.75 13.06 14.30
C THR B 327 -0.77 11.95 14.66
N GLY B 328 0.45 12.33 15.03
CA GLY B 328 1.48 11.38 15.39
C GLY B 328 2.39 10.95 14.27
N VAL B 329 2.13 11.40 13.04
CA VAL B 329 2.94 11.03 11.88
C VAL B 329 2.77 12.12 10.85
N ARG B 330 3.68 12.17 9.88
CA ARG B 330 3.58 13.13 8.79
C ARG B 330 2.27 12.92 8.02
N ASN B 332 -0.30 12.43 5.25
CA ASN B 332 -0.19 11.72 3.98
C ASN B 332 -1.54 11.13 3.59
N PRO B 333 -2.28 11.85 2.75
CA PRO B 333 -3.59 11.33 2.32
C PRO B 333 -3.50 10.02 1.56
N ALA B 334 -2.42 9.79 0.82
CA ALA B 334 -2.30 8.54 0.06
C ALA B 334 -2.27 7.33 0.98
N LEU B 335 -1.39 7.35 1.99
CA LEU B 335 -1.34 6.25 2.94
C LEU B 335 -2.61 6.18 3.77
N SER B 336 -3.26 7.31 4.01
CA SER B 336 -4.52 7.30 4.75
C SER B 336 -5.58 6.48 4.03
N VAL B 337 -5.68 6.65 2.70
CA VAL B 337 -6.65 5.87 1.94
C VAL B 337 -6.30 4.39 1.96
N LYS B 338 -5.01 4.06 2.01
CA LYS B 338 -4.60 2.66 2.05
C LYS B 338 -5.09 1.98 3.33
N TRP B 339 -4.83 2.61 4.48
CA TRP B 339 -5.18 1.98 5.75
C TRP B 339 -6.68 2.02 6.00
N LEU B 340 -7.34 3.11 5.60
CA LEU B 340 -8.80 3.16 5.72
C LEU B 340 -9.45 2.11 4.84
N GLU B 341 -8.85 1.81 3.68
CA GLU B 341 -9.45 0.84 2.76
C GLU B 341 -9.31 -0.58 3.29
N LYS B 342 -8.14 -0.92 3.83
CA LYS B 342 -7.95 -2.27 4.38
C LYS B 342 -8.93 -2.57 5.50
N ALA B 343 -9.30 -1.55 6.29
CA ALA B 343 -10.28 -1.74 7.34
C ALA B 343 -11.70 -1.76 6.79
N ALA B 344 -11.98 -0.96 5.76
CA ALA B 344 -13.29 -1.00 5.13
C ALA B 344 -13.54 -2.32 4.43
N LYS B 345 -12.48 -2.94 3.87
CA LYS B 345 -12.64 -4.25 3.24
C LYS B 345 -13.04 -5.31 4.25
N GLN B 346 -12.63 -5.17 5.50
CA GLN B 346 -12.95 -6.13 6.55
C GLN B 346 -14.33 -5.92 7.15
N GLY B 347 -15.12 -4.98 6.62
CA GLY B 347 -16.47 -4.77 7.09
C GLY B 347 -16.62 -3.86 8.29
N LEU B 348 -15.55 -3.18 8.71
CA LEU B 348 -15.66 -2.25 9.82
C LEU B 348 -16.48 -1.04 9.38
N ALA B 349 -17.68 -0.89 9.96
CA ALA B 349 -18.61 0.15 9.51
C ALA B 349 -18.03 1.55 9.73
N ARG B 350 -17.27 1.74 10.80
CA ARG B 350 -16.70 3.06 11.06
C ARG B 350 -15.67 3.44 9.99
N ALA B 351 -14.87 2.48 9.52
CA ALA B 351 -13.88 2.77 8.50
C ALA B 351 -14.52 2.94 7.13
N GLN B 352 -15.65 2.27 6.89
CA GLN B 352 -16.37 2.45 5.63
C GLN B 352 -16.86 3.89 5.49
N PHE B 353 -17.33 4.49 6.59
CA PHE B 353 -17.73 5.88 6.56
C PHE B 353 -16.53 6.80 6.34
N ASN B 354 -15.45 6.58 7.11
CA ASN B 354 -14.26 7.42 6.98
C ASN B 354 -13.69 7.36 5.56
N LEU B 355 -13.68 6.17 4.96
CA LEU B 355 -13.24 6.08 3.58
C LEU B 355 -14.23 6.72 2.63
N GLY B 356 -15.52 6.66 2.94
CA GLY B 356 -16.51 7.31 2.10
C GLY B 356 -16.40 8.82 2.16
N LYS B 357 -16.18 9.37 3.35
CA LYS B 357 -16.02 10.81 3.48
C LYS B 357 -14.74 11.28 2.81
N THR B 358 -13.67 10.48 2.89
CA THR B 358 -12.42 10.84 2.22
C THR B 358 -12.61 10.93 0.72
N PHE B 359 -13.30 9.95 0.12
CA PHE B 359 -13.57 9.98 -1.31
C PHE B 359 -14.55 11.10 -1.67
N TYR B 360 -15.42 11.48 -0.73
CA TYR B 360 -16.45 12.48 -1.04
C TYR B 360 -15.89 13.90 -0.98
N ILE B 361 -14.94 14.17 -0.10
CA ILE B 361 -14.37 15.51 0.01
C ILE B 361 -13.28 15.70 -1.03
N GLY B 362 -12.42 14.71 -1.22
CA GLY B 362 -11.31 14.86 -2.14
C GLY B 362 -10.19 15.73 -1.62
N ALA B 363 -9.96 15.74 -0.31
CA ALA B 363 -8.92 16.56 0.30
C ALA B 363 -7.62 15.77 0.30
N GLY B 364 -6.67 16.19 -0.54
CA GLY B 364 -5.40 15.52 -0.68
C GLY B 364 -5.35 14.50 -1.80
N ILE B 365 -6.46 13.80 -2.05
CA ILE B 365 -6.54 12.85 -3.15
C ILE B 365 -7.59 13.34 -4.14
N ASN B 366 -7.90 12.51 -5.13
CA ASN B 366 -8.93 12.87 -6.11
C ASN B 366 -10.31 12.56 -5.54
N LYS B 367 -11.23 13.51 -5.70
CA LYS B 367 -12.63 13.27 -5.34
C LYS B 367 -13.18 12.12 -6.17
N ASN B 368 -13.94 11.24 -5.52
CA ASN B 368 -14.49 10.05 -6.17
C ASN B 368 -15.86 9.78 -5.55
N THR B 369 -16.91 10.36 -6.15
CA THR B 369 -18.24 10.25 -5.59
C THR B 369 -18.81 8.84 -5.77
N ASP B 370 -18.35 8.11 -6.78
CA ASP B 370 -18.83 6.75 -6.98
C ASP B 370 -18.39 5.84 -5.84
N LYS B 371 -17.10 5.88 -5.50
CA LYS B 371 -16.61 5.11 -4.35
C LYS B 371 -17.16 5.65 -3.05
N ALA B 372 -17.38 6.97 -2.97
CA ALA B 372 -17.92 7.56 -1.74
C ALA B 372 -19.33 7.03 -1.46
N VAL B 373 -20.19 7.03 -2.48
CA VAL B 373 -21.55 6.50 -2.32
C VAL B 373 -21.50 5.02 -1.98
N TYR B 374 -20.62 4.28 -2.65
CA TYR B 374 -20.53 2.83 -2.42
C TYR B 374 -20.26 2.51 -0.96
N TRP B 375 -19.34 3.24 -0.33
CA TRP B 375 -19.00 2.94 1.06
C TRP B 375 -20.02 3.52 2.03
N PHE B 376 -20.72 4.60 1.65
CA PHE B 376 -21.77 5.13 2.51
C PHE B 376 -22.91 4.14 2.63
N ILE B 377 -23.37 3.58 1.52
CA ILE B 377 -24.43 2.58 1.50
C ILE B 377 -24.04 1.40 2.37
N ALA B 379 -21.83 1.31 4.92
CA ALA B 379 -21.76 1.65 6.33
C ALA B 379 -23.16 1.94 6.89
N ALA B 380 -24.02 2.51 6.06
CA ALA B 380 -25.38 2.81 6.50
C ALA B 380 -26.19 1.54 6.71
N ASN B 381 -25.92 0.48 5.94
CA ASN B 381 -26.60 -0.79 6.15
C ASN B 381 -26.22 -1.46 7.46
N GLN B 382 -25.13 -1.02 8.10
CA GLN B 382 -24.72 -1.54 9.39
C GLN B 382 -25.20 -0.69 10.55
N GLY B 383 -25.98 0.36 10.29
CA GLY B 383 -26.51 1.19 11.33
C GLY B 383 -25.64 2.37 11.75
N PHE B 384 -24.63 2.71 10.95
CA PHE B 384 -23.77 3.85 11.26
C PHE B 384 -24.53 5.13 10.91
N THR B 385 -24.92 5.89 11.94
CA THR B 385 -25.83 7.02 11.73
C THR B 385 -25.21 8.13 10.91
N GLU B 386 -23.91 8.38 11.06
CA GLU B 386 -23.26 9.41 10.25
C GLU B 386 -23.32 9.07 8.77
N ALA B 387 -23.07 7.81 8.42
CA ALA B 387 -23.18 7.40 7.02
C ALA B 387 -24.61 7.45 6.53
N GLN B 388 -25.57 7.16 7.39
CA GLN B 388 -26.98 7.31 7.01
C GLN B 388 -27.31 8.77 6.73
N ALA B 389 -26.66 9.70 7.44
CA ALA B 389 -26.92 11.11 7.21
C ALA B 389 -26.34 11.58 5.88
N TYR B 390 -25.11 11.17 5.58
CA TYR B 390 -24.48 11.59 4.32
C TYR B 390 -25.23 11.02 3.11
N ILE B 391 -25.66 9.77 3.19
CA ILE B 391 -26.31 9.15 2.04
C ILE B 391 -27.73 9.67 1.87
N GLY B 392 -28.36 10.12 2.94
CA GLY B 392 -29.69 10.71 2.82
C GLY B 392 -29.65 12.03 2.07
N ILE B 394 -27.47 12.78 -0.09
CA ILE B 394 -27.05 12.47 -1.45
C ILE B 394 -28.24 12.03 -2.30
N TYR B 395 -29.06 11.12 -1.78
CA TYR B 395 -30.26 10.70 -2.50
C TYR B 395 -31.28 11.82 -2.62
N PHE B 396 -31.22 12.83 -1.75
CA PHE B 396 -32.12 13.96 -1.85
C PHE B 396 -31.61 15.02 -2.82
N LYS B 397 -30.32 15.34 -2.76
CA LYS B 397 -29.74 16.33 -3.68
C LYS B 397 -29.86 15.86 -5.12
N GLY B 398 -29.67 14.57 -5.36
CA GLY B 398 -29.78 14.04 -6.71
C GLY B 398 -28.71 14.51 -7.67
N LYS B 399 -27.55 14.93 -7.15
CA LYS B 399 -26.47 15.42 -8.00
C LYS B 399 -25.53 14.30 -8.44
N TYR B 400 -25.06 13.48 -7.49
CA TYR B 400 -24.15 12.39 -7.79
C TYR B 400 -24.84 11.05 -7.96
N VAL B 401 -26.14 10.97 -7.68
CA VAL B 401 -26.95 9.79 -7.94
C VAL B 401 -28.29 10.26 -8.49
N ALA B 402 -29.10 9.31 -8.94
CA ALA B 402 -30.46 9.60 -9.35
C ALA B 402 -31.23 10.09 -8.13
N ASN B 404 -33.88 10.53 -5.38
CA ASN B 404 -34.85 9.64 -4.77
C ASN B 404 -35.23 10.18 -3.39
N GLU B 405 -36.30 10.97 -3.35
CA GLU B 405 -36.70 11.59 -2.08
C GLU B 405 -37.23 10.56 -1.09
N LYS B 406 -37.92 9.52 -1.56
CA LYS B 406 -38.40 8.49 -0.65
C LYS B 406 -37.23 7.79 0.06
N LYS B 407 -36.21 7.41 -0.71
CA LYS B 407 -35.03 6.80 -0.11
C LYS B 407 -34.22 7.83 0.67
N GLY B 408 -34.20 9.09 0.23
CA GLY B 408 -33.44 10.10 0.93
C GLY B 408 -34.02 10.43 2.30
N PHE B 409 -35.35 10.51 2.38
CA PHE B 409 -36.00 10.73 3.68
C PHE B 409 -35.95 9.49 4.56
N TYR B 410 -35.79 8.30 3.97
CA TYR B 410 -35.68 7.09 4.79
C TYR B 410 -34.40 7.09 5.60
N TRP B 411 -33.29 7.53 5.02
CA TRP B 411 -32.02 7.60 5.73
C TRP B 411 -31.86 8.86 6.55
N LEU B 412 -32.41 9.99 6.10
CA LEU B 412 -32.29 11.23 6.86
C LEU B 412 -33.05 11.15 8.17
N LYS B 413 -34.19 10.46 8.19
CA LYS B 413 -34.96 10.35 9.43
C LYS B 413 -34.27 9.42 10.41
N LYS B 414 -33.75 8.28 9.94
CA LYS B 414 -33.09 7.34 10.83
C LYS B 414 -31.89 7.97 11.52
N ALA B 415 -31.15 8.83 10.81
CA ALA B 415 -30.04 9.54 11.44
C ALA B 415 -30.55 10.49 12.50
N ALA B 416 -31.59 11.26 12.19
CA ALA B 416 -32.16 12.17 13.19
C ALA B 416 -32.90 11.42 14.29
N GLU B 417 -33.54 10.30 13.95
CA GLU B 417 -34.21 9.49 14.97
C GLU B 417 -33.23 8.84 15.94
N LYS B 418 -31.92 8.91 15.65
CA LYS B 418 -30.89 8.47 16.58
C LYS B 418 -29.90 9.60 16.86
N ASP B 419 -30.39 10.83 16.83
CA ASP B 419 -29.67 12.02 17.29
C ASP B 419 -28.37 12.22 16.52
N SER B 420 -28.52 12.67 15.28
CA SER B 420 -27.41 13.04 14.42
C SER B 420 -27.49 14.53 14.13
N ALA B 421 -26.49 15.29 14.60
CA ALA B 421 -26.48 16.73 14.38
C ALA B 421 -26.36 17.09 12.91
N LYS B 422 -25.79 16.21 12.09
CA LYS B 422 -25.72 16.47 10.66
C LYS B 422 -27.10 16.45 10.03
N ALA B 423 -27.88 15.40 10.32
CA ALA B 423 -29.21 15.28 9.71
C ALA B 423 -30.16 16.35 10.24
N GLN B 424 -30.16 16.57 11.56
CA GLN B 424 -31.12 17.50 12.15
C GLN B 424 -30.92 18.92 11.62
N ALA B 425 -29.66 19.31 11.38
CA ALA B 425 -29.40 20.65 10.88
C ALA B 425 -29.89 20.82 9.44
N PHE B 426 -29.74 19.78 8.63
CA PHE B 426 -30.16 19.88 7.23
C PHE B 426 -31.64 19.56 7.07
N LEU B 427 -32.13 18.52 7.74
CA LEU B 427 -33.55 18.20 7.66
C LEU B 427 -34.42 19.32 8.22
N GLY B 428 -33.89 20.05 9.21
CA GLY B 428 -34.60 21.22 9.69
C GLY B 428 -34.50 22.40 8.76
N ALA B 429 -33.37 22.52 8.04
CA ALA B 429 -33.23 23.58 7.05
C ALA B 429 -34.22 23.44 5.90
N LEU B 430 -34.59 22.20 5.57
CA LEU B 430 -35.61 21.99 4.53
C LEU B 430 -37.00 22.32 5.04
N TYR B 431 -37.28 22.00 6.31
CA TYR B 431 -38.61 22.25 6.85
C TYR B 431 -38.85 23.73 7.08
N ILE B 432 -37.81 24.49 7.45
CA ILE B 432 -37.98 25.91 7.67
C ILE B 432 -38.18 26.64 6.34
N ALA B 433 -37.33 26.32 5.35
CA ALA B 433 -37.40 27.02 4.07
C ALA B 433 -38.70 26.71 3.34
N GLY B 434 -39.15 25.45 3.36
CA GLY B 434 -40.35 25.08 2.65
C GLY B 434 -40.26 25.23 1.15
N ASN B 435 -39.06 25.27 0.59
CA ASN B 435 -38.87 25.48 -0.84
C ASN B 435 -38.91 24.15 -1.58
N GLU B 436 -37.91 23.30 -1.34
CA GLU B 436 -37.82 22.00 -2.00
C GLU B 436 -38.77 20.96 -1.44
N VAL B 437 -39.52 21.30 -0.39
CA VAL B 437 -40.46 20.40 0.25
C VAL B 437 -41.56 21.23 0.89
N LYS B 438 -42.69 20.59 1.18
CA LYS B 438 -43.82 21.29 1.78
C LYS B 438 -43.40 21.92 3.11
N PRO B 439 -43.80 23.17 3.38
CA PRO B 439 -43.34 23.84 4.60
C PRO B 439 -43.86 23.15 5.85
N ASN B 440 -42.92 22.73 6.71
CA ASN B 440 -43.22 22.12 7.99
C ASN B 440 -42.33 22.75 9.06
N ILE B 441 -42.47 24.08 9.19
CA ILE B 441 -41.48 24.88 9.92
C ILE B 441 -41.61 24.68 11.43
N LYS B 442 -42.78 24.30 11.92
CA LYS B 442 -42.95 24.08 13.36
C LYS B 442 -42.06 22.93 13.83
N GLU B 443 -42.16 21.78 13.17
CA GLU B 443 -41.28 20.65 13.51
C GLU B 443 -39.85 20.91 13.09
N GLY B 444 -39.64 21.73 12.05
CA GLY B 444 -38.29 22.02 11.60
C GLY B 444 -37.48 22.80 12.61
N VAL B 445 -38.12 23.75 13.30
CA VAL B 445 -37.43 24.50 14.34
C VAL B 445 -37.02 23.59 15.48
N ALA B 446 -37.88 22.61 15.82
CA ALA B 446 -37.54 21.66 16.88
C ALA B 446 -36.30 20.86 16.52
N LEU B 447 -36.22 20.38 15.28
CA LEU B 447 -35.02 19.67 14.83
C LEU B 447 -33.82 20.60 14.77
N THR B 448 -34.03 21.88 14.47
CA THR B 448 -32.92 22.84 14.42
C THR B 448 -32.35 23.12 15.80
N LYS B 449 -33.20 23.13 16.83
CA LYS B 449 -32.72 23.36 18.18
C LYS B 449 -31.85 22.21 18.67
N LYS B 450 -32.24 20.97 18.36
CA LYS B 450 -31.54 19.80 18.89
C LYS B 450 -30.10 19.73 18.36
N ALA B 451 -29.91 20.00 17.07
CA ALA B 451 -28.57 19.97 16.50
C ALA B 451 -27.74 21.15 16.97
N ALA B 452 -28.37 22.30 17.23
CA ALA B 452 -27.64 23.45 17.75
C ALA B 452 -27.09 23.21 19.15
N LEU B 453 -27.67 22.26 19.89
CA LEU B 453 -27.14 21.91 21.20
C LEU B 453 -25.74 21.35 21.10
N GLN B 454 -25.43 20.64 20.02
CA GLN B 454 -24.21 19.86 19.89
C GLN B 454 -23.16 20.55 19.03
N GLY B 455 -22.93 21.84 19.29
CA GLY B 455 -21.83 22.58 18.69
C GLY B 455 -21.99 22.85 17.21
N ASN B 456 -23.06 22.33 16.62
CA ASN B 456 -23.33 22.50 15.19
C ASN B 456 -23.57 23.98 14.92
N TYR B 457 -22.56 24.66 14.39
CA TYR B 457 -22.68 26.09 14.10
C TYR B 457 -23.65 26.37 12.96
N GLU B 458 -24.06 25.35 12.22
CA GLU B 458 -25.02 25.56 11.13
C GLU B 458 -26.45 25.59 11.65
N ALA B 459 -26.82 24.62 12.50
CA ALA B 459 -28.16 24.63 13.08
C ALA B 459 -28.36 25.83 13.99
N GLN B 460 -27.33 26.22 14.74
CA GLN B 460 -27.43 27.44 15.53
C GLN B 460 -27.58 28.67 14.65
N THR B 461 -27.07 28.61 13.41
CA THR B 461 -27.22 29.72 12.49
C THR B 461 -28.61 29.75 11.86
N LEU B 462 -29.13 28.59 11.46
CA LEU B 462 -30.48 28.55 10.89
C LEU B 462 -31.53 28.87 11.95
N LEU B 463 -31.30 28.44 13.20
CA LEU B 463 -32.21 28.81 14.27
C LEU B 463 -32.16 30.31 14.53
N GLY B 464 -30.96 30.91 14.44
CA GLY B 464 -30.87 32.36 14.52
C GLY B 464 -31.56 33.06 13.37
N PHE B 465 -31.63 32.40 12.21
CA PHE B 465 -32.36 32.96 11.08
C PHE B 465 -33.85 33.04 11.36
N CYS B 466 -34.37 32.11 12.17
CA CYS B 466 -35.78 32.15 12.56
C CYS B 466 -36.06 33.26 13.56
N TYR B 467 -35.05 33.70 14.32
CA TYR B 467 -35.23 34.77 15.29
C TYR B 467 -35.03 36.15 14.68
N GLU B 468 -34.14 36.28 13.70
CA GLU B 468 -33.90 37.59 13.09
C GLU B 468 -35.05 38.00 12.20
N ASN B 469 -35.51 37.10 11.34
CA ASN B 469 -36.62 37.37 10.43
C ASN B 469 -37.97 37.00 11.02
N GLY B 470 -38.02 36.56 12.28
CA GLY B 470 -39.28 36.21 12.89
C GLY B 470 -39.97 35.03 12.23
N LEU B 471 -39.19 34.05 11.76
CA LEU B 471 -39.75 32.88 11.11
C LEU B 471 -40.31 31.93 12.17
N GLU B 472 -41.63 31.75 12.15
CA GLU B 472 -42.33 30.84 13.06
C GLU B 472 -42.17 31.25 14.52
N VAL B 473 -40.93 31.19 15.03
CA VAL B 473 -40.69 31.57 16.42
C VAL B 473 -40.97 33.05 16.62
N LYS B 474 -41.24 33.43 17.87
CA LYS B 474 -41.47 34.82 18.22
C LYS B 474 -40.24 35.65 17.89
N LYS B 475 -40.42 36.70 17.09
CA LYS B 475 -39.32 37.51 16.60
C LYS B 475 -38.54 38.14 17.74
N ASP B 476 -37.37 37.56 18.05
CA ASP B 476 -36.48 38.07 19.09
C ASP B 476 -35.16 38.41 18.42
N LEU B 477 -35.00 39.68 18.06
CA LEU B 477 -33.81 40.08 17.30
C LEU B 477 -32.55 40.11 18.16
N ILE B 478 -32.70 40.28 19.48
CA ILE B 478 -31.56 40.20 20.37
C ILE B 478 -31.02 38.77 20.40
N ALA B 479 -31.92 37.78 20.42
CA ALA B 479 -31.50 36.39 20.38
C ALA B 479 -30.85 36.01 19.05
N ALA B 480 -31.11 36.77 17.98
CA ALA B 480 -30.46 36.49 16.72
C ALA B 480 -28.95 36.74 16.80
N TYR B 481 -28.55 37.77 17.55
CA TYR B 481 -27.13 38.01 17.75
C TYR B 481 -26.51 36.97 18.68
N ALA B 482 -27.27 36.49 19.66
CA ALA B 482 -26.74 35.49 20.59
C ALA B 482 -26.51 34.15 19.91
N LEU B 483 -27.33 33.82 18.90
CA LEU B 483 -27.13 32.56 18.18
C LEU B 483 -26.07 32.70 17.11
N TYR B 484 -26.01 33.85 16.43
CA TYR B 484 -24.96 34.08 15.44
C TYR B 484 -23.59 34.27 16.08
N LEU B 485 -23.55 34.63 17.37
CA LEU B 485 -22.29 34.96 18.02
C LEU B 485 -21.36 33.75 18.07
N SER B 486 -21.88 32.61 18.53
CA SER B 486 -21.05 31.42 18.70
C SER B 486 -20.51 30.88 17.38
N ALA B 487 -21.17 31.17 16.27
CA ALA B 487 -20.79 30.62 14.97
C ALA B 487 -20.04 31.61 14.10
N SER B 488 -19.81 32.83 14.57
CA SER B 488 -19.19 33.85 13.71
C SER B 488 -17.77 33.51 13.31
N PRO B 489 -16.86 33.12 14.23
CA PRO B 489 -15.50 32.76 13.81
C PRO B 489 -15.38 31.42 13.12
N HIS B 490 -16.50 30.76 12.82
CA HIS B 490 -16.47 29.39 12.28
C HIS B 490 -17.19 29.27 10.95
N PHE B 491 -18.34 29.91 10.79
CA PHE B 491 -19.15 29.83 9.57
C PHE B 491 -19.23 31.21 8.94
N ASP B 492 -18.92 31.29 7.64
CA ASP B 492 -18.84 32.58 6.97
C ASP B 492 -20.20 33.26 6.90
N PHE B 493 -21.27 32.50 6.67
CA PHE B 493 -22.60 33.09 6.65
C PHE B 493 -22.99 33.62 8.02
N ALA B 494 -22.78 32.81 9.07
CA ALA B 494 -23.08 33.25 10.42
C ALA B 494 -22.19 34.43 10.83
N GLU B 495 -21.00 34.54 10.25
CA GLU B 495 -20.17 35.71 10.48
C GLU B 495 -20.77 36.94 9.81
N LYS B 496 -21.25 36.79 8.57
CA LYS B 496 -21.93 37.89 7.90
C LYS B 496 -23.32 38.12 8.48
N ALA B 497 -23.93 37.07 9.05
CA ALA B 497 -25.22 37.23 9.70
C ALA B 497 -25.07 37.95 11.04
N ARG B 498 -23.98 37.67 11.76
CA ARG B 498 -23.67 38.42 12.98
C ARG B 498 -23.13 39.81 12.69
N LEU B 499 -22.56 40.01 11.50
CA LEU B 499 -22.07 41.34 11.12
C LEU B 499 -23.22 42.23 10.65
N ASP B 500 -24.21 41.64 9.97
CA ASP B 500 -25.34 42.43 9.47
C ASP B 500 -26.22 42.90 10.63
N LEU B 501 -26.54 42.01 11.56
CA LEU B 501 -27.34 42.39 12.72
C LEU B 501 -26.61 43.37 13.62
N GLU B 502 -25.28 43.41 13.56
CA GLU B 502 -24.53 44.35 14.38
C GLU B 502 -24.70 45.78 13.90
N ARG B 503 -24.99 45.97 12.61
CA ARG B 503 -25.14 47.31 12.07
C ARG B 503 -26.46 47.96 12.49
N LYS B 504 -27.42 47.18 12.97
CA LYS B 504 -28.73 47.70 13.36
C LYS B 504 -29.03 47.49 14.84
N LEU B 505 -28.03 47.17 15.65
CA LEU B 505 -28.21 46.94 17.08
C LEU B 505 -27.42 47.98 17.87
N SER B 506 -28.01 48.43 18.98
CA SER B 506 -27.35 49.38 19.85
C SER B 506 -26.42 48.66 20.82
N GLU B 507 -25.54 49.44 21.47
CA GLU B 507 -24.56 48.85 22.37
C GLU B 507 -25.21 48.17 23.56
N GLN B 508 -26.32 48.72 24.05
CA GLN B 508 -27.05 48.05 25.13
C GLN B 508 -27.56 46.68 24.67
N GLU B 509 -28.09 46.60 23.46
CA GLU B 509 -28.58 45.34 22.94
C GLU B 509 -27.44 44.41 22.51
N ILE B 510 -26.27 44.96 22.20
CA ILE B 510 -25.11 44.12 21.93
C ILE B 510 -24.62 43.46 23.21
N ALA B 511 -24.47 44.25 24.29
CA ALA B 511 -24.01 43.70 25.55
C ALA B 511 -25.02 42.75 26.15
N LYS B 512 -26.32 42.97 25.89
CA LYS B 512 -27.34 42.06 26.41
C LYS B 512 -27.33 40.74 25.65
N ALA B 513 -26.93 40.75 24.38
CA ALA B 513 -27.00 39.55 23.56
C ALA B 513 -25.80 38.64 23.73
N ILE B 514 -24.62 39.19 24.02
CA ILE B 514 -23.40 38.39 24.10
C ILE B 514 -23.31 37.71 25.46
N SER B 515 -24.39 37.77 26.25
CA SER B 515 -24.41 37.17 27.57
C SER B 515 -25.62 36.27 27.83
N VAL B 516 -26.62 36.26 26.95
CA VAL B 516 -27.80 35.43 27.15
C VAL B 516 -27.44 33.97 26.98
N ASN B 517 -27.96 33.13 27.88
CA ASN B 517 -27.74 31.69 27.80
C ASN B 517 -28.44 31.12 26.57
N THR B 518 -27.63 30.60 25.63
CA THR B 518 -28.19 30.06 24.39
C THR B 518 -28.99 28.78 24.63
N ALA B 519 -28.72 28.06 25.70
CA ALA B 519 -29.45 26.83 26.01
C ALA B 519 -30.84 27.16 26.56
N LEU B 521 -32.39 29.43 24.68
CA LEU B 521 -33.01 29.65 23.37
C LEU B 521 -33.36 28.33 22.70
N PHE B 522 -32.92 27.23 23.29
CA PHE B 522 -33.21 25.90 22.77
C PHE B 522 -34.33 25.23 23.56
#